data_7O5Q
#
_entry.id   7O5Q
#
_cell.length_a   47.053
_cell.length_b   126.902
_cell.length_c   111.201
_cell.angle_alpha   90.000
_cell.angle_beta   98.289
_cell.angle_gamma   90.000
#
_symmetry.space_group_name_H-M   'P 1 21 1'
#
loop_
_entity.id
_entity.type
_entity.pdbx_description
1 polymer Beta-lactamase
2 non-polymer GLYCEROL
3 non-polymer 'IODIDE ION'
4 non-polymer 1-BUTANOL
5 non-polymer '(2R,4S)-2-[(R)-carboxy{[(5-methyl-3-phenyl-1,2-oxazol-4-yl)carbonyl]amino}methyl]-5,5-dimethyl-1,3-thiazolidine-4-carbo xylic acid'
6 non-polymer '(2R,4S)-2-[(1R)-2-butoxy-1-[(5-methyl-3-phenyl-1,2-oxazol-4-yl)carbonylamino]-2-oxidanylidene-ethyl]-5,5-dimethyl-1,3-thiazolidin-3-ium-4-carboxylic acid'
7 water water
#
_entity_poly.entity_id   1
_entity_poly.type   'polypeptide(L)'
_entity_poly.pdbx_seq_one_letter_code
;MHHHHHHSAGENLYFQGKEWQENKSWNAHFTEHKSQGVVVLWNENKQQGFTNNLKRANQAFLPASTF(KCX)IPNSLIAL
DLGVVKDEHQVFKWDGQTRDIATWNRDHNLITAMKYSVVPVYQEFARQIGEARMSKMLHAFDYGNEDISGNVDSFWLDGG
IRISATEQISFLRKLYHNKLHVSERSQRIVKQAMLTEANGDYIIRAKTGYSTRIEPKIGWWVGWVELDDNVWFFAMNMDM
PTSDGLGLRQAITKEVLKQEKIIP
;
_entity_poly.pdbx_strand_id   AAA,BBB,CCC,DDD
#
# COMPACT_ATOMS: atom_id res chain seq x y z
N GLU A 19 8.01 41.34 -10.46
CA GLU A 19 8.79 40.62 -11.49
C GLU A 19 9.40 39.35 -10.86
N TRP A 20 9.07 38.24 -11.49
CA TRP A 20 9.68 36.90 -11.36
C TRP A 20 10.40 36.59 -12.68
N GLN A 21 11.68 36.25 -12.60
CA GLN A 21 12.46 35.87 -13.80
C GLN A 21 13.01 34.47 -13.60
N GLU A 22 12.94 33.66 -14.65
CA GLU A 22 13.44 32.28 -14.69
C GLU A 22 14.87 32.31 -15.24
N ASN A 23 15.82 31.64 -14.61
CA ASN A 23 17.25 31.65 -15.00
C ASN A 23 17.73 30.20 -15.06
N LYS A 24 17.62 29.59 -16.23
CA LYS A 24 17.89 28.14 -16.41
C LYS A 24 19.39 27.82 -16.37
N SER A 25 20.28 28.81 -16.47
CA SER A 25 21.74 28.55 -16.38
C SER A 25 22.09 27.96 -14.99
N TRP A 26 21.26 28.19 -13.97
CA TRP A 26 21.52 27.61 -12.62
C TRP A 26 21.38 26.08 -12.65
N ASN A 27 20.64 25.52 -13.59
CA ASN A 27 20.44 24.04 -13.68
C ASN A 27 21.80 23.35 -13.82
N ALA A 28 22.82 24.01 -14.37
CA ALA A 28 24.20 23.42 -14.46
C ALA A 28 24.74 23.04 -13.06
N HIS A 29 24.43 23.78 -11.99
CA HIS A 29 24.94 23.46 -10.62
C HIS A 29 24.25 22.21 -10.07
N PHE A 30 23.02 21.90 -10.48
CA PHE A 30 22.32 20.63 -10.10
C PHE A 30 22.87 19.46 -10.96
N THR A 31 23.04 19.63 -12.28
CA THR A 31 23.43 18.51 -13.18
C THR A 31 24.91 18.11 -12.92
N GLU A 32 25.81 19.06 -12.64
CA GLU A 32 27.19 18.87 -12.09
C GLU A 32 27.21 17.79 -11.00
N HIS A 33 26.26 17.82 -10.07
CA HIS A 33 26.25 16.91 -8.88
C HIS A 33 25.23 15.81 -9.11
N LYS A 34 24.74 15.69 -10.35
CA LYS A 34 23.85 14.59 -10.81
C LYS A 34 22.53 14.62 -10.00
N SER A 35 21.99 15.81 -9.71
CA SER A 35 20.79 15.96 -8.85
C SER A 35 19.72 16.82 -9.55
N GLN A 36 18.59 17.00 -8.89
CA GLN A 36 17.50 17.87 -9.39
C GLN A 36 16.94 18.67 -8.22
N GLY A 37 16.59 19.93 -8.46
CA GLY A 37 15.90 20.77 -7.47
C GLY A 37 15.63 22.19 -7.94
N VAL A 38 15.27 23.04 -6.97
CA VAL A 38 14.99 24.49 -7.18
C VAL A 38 15.69 25.36 -6.13
N VAL A 39 16.24 26.48 -6.59
CA VAL A 39 16.70 27.66 -5.80
C VAL A 39 15.82 28.86 -6.16
N VAL A 40 15.30 29.54 -5.13
CA VAL A 40 14.53 30.80 -5.24
C VAL A 40 15.30 31.91 -4.47
N LEU A 41 15.57 33.05 -5.13
CA LEU A 41 16.17 34.27 -4.50
C LEU A 41 15.17 35.41 -4.58
N TRP A 42 15.16 36.24 -3.53
CA TRP A 42 14.43 37.52 -3.46
C TRP A 42 15.37 38.67 -3.05
N ASN A 43 15.48 39.68 -3.93
CA ASN A 43 16.23 40.95 -3.71
C ASN A 43 15.29 41.94 -2.99
N GLU A 44 15.49 42.17 -1.69
CA GLU A 44 14.61 43.03 -0.84
C GLU A 44 14.62 44.47 -1.39
N ASN A 45 15.77 45.06 -1.74
CA ASN A 45 15.86 46.50 -2.18
C ASN A 45 15.07 46.69 -3.50
N LYS A 46 15.20 45.78 -4.46
CA LYS A 46 14.51 45.87 -5.77
C LYS A 46 13.11 45.24 -5.77
N GLN A 47 12.76 44.43 -4.76
CA GLN A 47 11.49 43.63 -4.73
C GLN A 47 11.36 42.80 -6.02
N GLN A 48 12.39 42.03 -6.37
CA GLN A 48 12.37 41.10 -7.53
C GLN A 48 12.85 39.70 -7.12
N GLY A 49 12.27 38.66 -7.72
CA GLY A 49 12.60 37.26 -7.49
C GLY A 49 13.20 36.59 -8.72
N PHE A 50 14.04 35.58 -8.47
CA PHE A 50 14.79 34.79 -9.49
C PHE A 50 14.68 33.32 -9.12
N THR A 51 14.42 32.44 -10.12
CA THR A 51 14.41 30.98 -9.89
C THR A 51 14.88 30.23 -11.14
N ASN A 52 15.42 29.03 -10.97
CA ASN A 52 15.74 28.15 -12.14
C ASN A 52 14.49 27.39 -12.60
N ASN A 53 13.37 27.35 -11.84
CA ASN A 53 12.22 26.44 -12.11
C ASN A 53 10.96 27.03 -11.46
N LEU A 54 10.21 27.81 -12.24
CA LEU A 54 9.00 28.51 -11.78
C LEU A 54 7.98 27.51 -11.27
N LYS A 55 7.82 26.35 -11.91
CA LYS A 55 6.83 25.34 -11.46
C LYS A 55 7.24 24.78 -10.07
N ARG A 56 8.45 24.25 -9.91
CA ARG A 56 8.90 23.61 -8.64
C ARG A 56 8.94 24.66 -7.51
N ALA A 57 9.20 25.93 -7.83
CA ALA A 57 9.26 27.06 -6.88
C ALA A 57 7.90 27.17 -6.17
N ASN A 58 6.80 26.78 -6.82
CA ASN A 58 5.43 26.90 -6.24
C ASN A 58 4.80 25.53 -5.90
N GLN A 59 5.56 24.42 -5.96
CA GLN A 59 5.07 23.09 -5.51
C GLN A 59 5.24 22.94 -3.98
N ALA A 60 4.27 22.35 -3.29
CA ALA A 60 4.25 22.24 -1.80
C ALA A 60 4.78 20.89 -1.29
N PHE A 61 5.62 20.90 -0.25
CA PHE A 61 6.27 19.72 0.36
C PHE A 61 6.13 19.78 1.89
N LEU A 62 6.37 18.67 2.59
CA LEU A 62 6.51 18.69 4.06
C LEU A 62 7.67 19.62 4.43
N PRO A 63 7.48 20.50 5.44
CA PRO A 63 8.57 21.36 5.90
C PRO A 63 9.69 20.64 6.66
N ALA A 64 9.38 19.48 7.29
CA ALA A 64 10.31 18.74 8.16
C ALA A 64 10.98 19.73 9.10
N SER A 65 12.31 19.70 9.27
CA SER A 65 12.98 20.53 10.33
C SER A 65 13.00 22.04 10.06
N THR A 66 12.58 22.53 8.89
CA THR A 66 12.41 24.00 8.68
C THR A 66 11.25 24.49 9.56
N PHE A 67 10.37 23.60 10.02
CA PHE A 67 9.25 23.91 10.94
C PHE A 67 9.78 24.34 12.32
N ILE A 69 11.54 26.85 12.90
CA ILE A 69 11.43 28.30 12.96
C ILE A 69 10.06 28.70 13.55
N PRO A 70 8.91 28.38 12.93
CA PRO A 70 7.61 28.70 13.56
C PRO A 70 7.37 28.09 14.97
N ASN A 71 7.84 26.85 15.20
CA ASN A 71 7.64 26.12 16.49
C ASN A 71 8.39 26.88 17.59
N SER A 72 9.62 27.36 17.34
CA SER A 72 10.41 28.20 18.30
C SER A 72 9.68 29.51 18.64
N LEU A 73 9.20 30.22 17.62
CA LEU A 73 8.48 31.50 17.76
C LEU A 73 7.26 31.31 18.67
N ILE A 74 6.46 30.24 18.47
CA ILE A 74 5.20 29.97 19.22
C ILE A 74 5.54 29.57 20.67
N ALA A 75 6.55 28.71 20.85
CA ALA A 75 6.96 28.26 22.21
C ALA A 75 7.42 29.46 23.07
N LEU A 76 8.24 30.35 22.50
CA LEU A 76 8.71 31.57 23.21
C LEU A 76 7.52 32.50 23.55
N ASP A 77 6.60 32.73 22.63
CA ASP A 77 5.54 33.75 22.80
C ASP A 77 4.53 33.27 23.86
N LEU A 78 4.35 31.96 24.03
CA LEU A 78 3.42 31.35 25.02
C LEU A 78 4.11 31.09 26.36
N GLY A 79 5.42 31.32 26.50
CA GLY A 79 6.15 31.02 27.75
C GLY A 79 6.49 29.55 27.98
N VAL A 80 6.32 28.65 27.00
CA VAL A 80 6.84 27.24 27.05
C VAL A 80 8.38 27.24 27.11
N VAL A 81 9.00 28.17 26.40
CA VAL A 81 10.45 28.45 26.51
C VAL A 81 10.62 29.88 27.03
N LYS A 82 11.35 30.01 28.15
CA LYS A 82 11.47 31.27 28.93
C LYS A 82 12.48 32.18 28.24
N ASP A 83 13.62 31.63 27.79
CA ASP A 83 14.71 32.36 27.10
C ASP A 83 15.66 31.34 26.45
N GLU A 84 16.74 31.84 25.83
CA GLU A 84 17.71 31.07 24.99
C GLU A 84 18.67 30.26 25.88
N HIS A 85 18.60 30.42 27.20
CA HIS A 85 19.53 29.77 28.17
C HIS A 85 18.86 28.59 28.90
N GLN A 86 17.54 28.54 28.95
CA GLN A 86 16.78 27.46 29.65
C GLN A 86 17.25 26.09 29.14
N VAL A 87 17.61 25.17 30.06
CA VAL A 87 18.07 23.79 29.74
C VAL A 87 16.89 22.78 29.61
N PHE A 88 16.88 22.02 28.52
CA PHE A 88 15.94 20.88 28.29
C PHE A 88 16.74 19.60 28.50
N LYS A 89 16.56 18.94 29.65
N LYS A 89 16.48 18.93 29.64
CA LYS A 89 17.42 17.81 30.07
CA LYS A 89 17.21 17.72 30.08
C LYS A 89 17.02 16.57 29.24
C LYS A 89 16.96 16.59 29.09
N TRP A 90 17.99 15.84 28.71
CA TRP A 90 17.79 14.58 27.97
C TRP A 90 16.87 13.62 28.76
N ASP A 91 15.94 12.92 28.09
CA ASP A 91 14.99 11.98 28.77
C ASP A 91 15.63 10.61 29.08
N GLY A 92 16.91 10.40 28.73
CA GLY A 92 17.69 9.17 29.00
C GLY A 92 17.31 7.98 28.11
N GLN A 93 16.62 8.22 27.00
CA GLN A 93 16.41 7.22 25.93
C GLN A 93 17.46 7.42 24.85
N THR A 94 18.28 6.40 24.63
CA THR A 94 19.39 6.43 23.64
C THR A 94 18.80 6.49 22.23
N ARG A 95 19.12 7.51 21.44
CA ARG A 95 18.67 7.59 20.04
C ARG A 95 19.91 7.49 19.14
N ASP A 96 19.63 7.34 17.86
CA ASP A 96 20.54 7.21 16.70
C ASP A 96 21.58 8.32 16.61
N ILE A 97 21.18 9.58 16.81
CA ILE A 97 22.08 10.76 16.58
C ILE A 97 22.70 11.10 17.94
N ALA A 98 24.03 10.90 18.08
CA ALA A 98 24.80 11.05 19.35
C ALA A 98 24.61 12.45 19.96
N THR A 99 24.57 13.53 19.17
CA THR A 99 24.33 14.90 19.67
C THR A 99 22.93 15.06 20.29
N TRP A 100 21.96 14.18 20.01
CA TRP A 100 20.61 14.24 20.66
C TRP A 100 20.63 13.67 22.09
N ASN A 101 21.63 12.85 22.44
CA ASN A 101 21.70 12.14 23.75
C ASN A 101 22.42 12.99 24.81
N ARG A 102 21.96 14.24 25.04
CA ARG A 102 22.55 15.22 25.99
C ARG A 102 21.57 16.38 26.23
N ASP A 103 21.90 17.23 27.19
CA ASP A 103 21.09 18.43 27.58
C ASP A 103 21.23 19.49 26.48
N HIS A 104 20.17 20.25 26.21
CA HIS A 104 20.15 21.31 25.15
C HIS A 104 19.52 22.61 25.65
N ASN A 105 19.82 23.73 25.01
CA ASN A 105 19.04 24.98 25.14
C ASN A 105 18.52 25.31 23.73
N LEU A 106 17.86 26.45 23.54
CA LEU A 106 17.23 26.77 22.21
C LEU A 106 18.28 26.82 21.11
N ILE A 107 19.43 27.42 21.40
CA ILE A 107 20.54 27.64 20.43
C ILE A 107 21.02 26.28 19.93
N THR A 108 21.25 25.33 20.83
CA THR A 108 21.98 24.05 20.50
C THR A 108 20.94 23.12 19.88
N ALA A 109 19.69 23.20 20.34
CA ALA A 109 18.58 22.38 19.83
C ALA A 109 18.33 22.71 18.34
N MET A 110 18.45 23.98 17.94
N MET A 110 18.43 23.98 17.97
CA MET A 110 18.25 24.36 16.51
CA MET A 110 18.28 24.47 16.55
C MET A 110 19.50 23.96 15.72
C MET A 110 19.48 23.97 15.75
N LYS A 111 20.69 24.19 16.29
CA LYS A 111 21.97 23.86 15.60
C LYS A 111 22.03 22.37 15.21
N TYR A 112 21.71 21.48 16.15
CA TYR A 112 21.78 20.01 15.98
C TYR A 112 20.43 19.41 15.54
N SER A 113 19.39 20.23 15.30
N SER A 113 19.37 20.21 15.33
CA SER A 113 18.04 19.82 14.83
CA SER A 113 18.07 19.73 14.79
C SER A 113 17.46 18.72 15.73
C SER A 113 17.43 18.69 15.73
N VAL A 114 17.34 19.00 17.02
CA VAL A 114 17.02 17.99 18.06
C VAL A 114 15.49 17.76 18.13
N VAL A 115 14.99 16.84 17.29
CA VAL A 115 13.55 16.52 17.14
C VAL A 115 12.88 16.28 18.49
N PRO A 116 13.39 15.40 19.38
CA PRO A 116 12.69 15.11 20.62
C PRO A 116 12.39 16.33 21.50
N VAL A 117 13.28 17.35 21.51
CA VAL A 117 13.07 18.64 22.26
C VAL A 117 11.84 19.37 21.69
N TYR A 118 11.77 19.49 20.35
CA TYR A 118 10.68 20.18 19.64
C TYR A 118 9.37 19.39 19.72
N GLN A 119 9.42 18.05 19.81
CA GLN A 119 8.16 17.27 20.00
C GLN A 119 7.54 17.58 21.37
N GLU A 120 8.34 17.70 22.42
CA GLU A 120 7.84 18.09 23.76
C GLU A 120 7.29 19.54 23.69
N PHE A 121 7.95 20.50 23.01
CA PHE A 121 7.36 21.87 22.86
C PHE A 121 5.93 21.76 22.26
N ALA A 122 5.76 20.98 21.19
CA ALA A 122 4.46 20.86 20.48
C ALA A 122 3.36 20.30 21.41
N ARG A 123 3.67 19.30 22.25
CA ARG A 123 2.69 18.71 23.22
C ARG A 123 2.25 19.77 24.24
N GLN A 124 3.16 20.62 24.74
CA GLN A 124 2.83 21.73 25.69
C GLN A 124 2.07 22.84 24.97
N ILE A 125 2.41 23.20 23.73
CA ILE A 125 1.60 24.21 22.96
C ILE A 125 0.17 23.68 22.80
N GLY A 126 0.01 22.44 22.34
CA GLY A 126 -1.30 21.78 22.10
C GLY A 126 -1.90 22.12 20.73
N GLU A 127 -2.85 21.30 20.23
CA GLU A 127 -3.48 21.39 18.88
C GLU A 127 -4.14 22.75 18.63
N ALA A 128 -5.01 23.22 19.54
CA ALA A 128 -5.81 24.46 19.34
C ALA A 128 -4.88 25.67 19.16
N ARG A 129 -3.88 25.87 20.02
CA ARG A 129 -2.99 27.08 19.97
C ARG A 129 -2.06 26.96 18.74
N MET A 130 -1.58 25.76 18.44
CA MET A 130 -0.70 25.55 17.27
C MET A 130 -1.47 25.97 16.00
N SER A 131 -2.73 25.52 15.83
CA SER A 131 -3.56 25.81 14.63
C SER A 131 -3.83 27.31 14.51
N LYS A 132 -4.25 27.95 15.61
CA LYS A 132 -4.53 29.41 15.65
C LYS A 132 -3.27 30.20 15.21
N MET A 133 -2.08 29.83 15.69
CA MET A 133 -0.85 30.62 15.37
C MET A 133 -0.43 30.41 13.90
N LEU A 134 -0.61 29.23 13.33
CA LEU A 134 -0.23 28.99 11.91
C LEU A 134 -1.20 29.78 11.00
N HIS A 135 -2.49 29.88 11.36
CA HIS A 135 -3.46 30.79 10.69
C HIS A 135 -2.96 32.25 10.80
N ALA A 136 -2.62 32.73 11.99
CA ALA A 136 -2.12 34.12 12.20
C ALA A 136 -0.84 34.39 11.39
N PHE A 137 0.05 33.41 11.22
CA PHE A 137 1.31 33.53 10.42
C PHE A 137 1.08 33.40 8.89
N ASP A 138 -0.09 32.93 8.45
CA ASP A 138 -0.35 32.57 7.03
C ASP A 138 0.69 31.54 6.55
N TYR A 139 1.05 30.55 7.42
CA TYR A 139 2.15 29.59 7.15
C TYR A 139 1.66 28.43 6.27
N GLY A 140 2.18 28.37 5.04
CA GLY A 140 1.84 27.31 4.07
C GLY A 140 0.34 27.06 3.95
N ASN A 141 -0.09 25.79 3.90
CA ASN A 141 -1.54 25.43 3.86
C ASN A 141 -2.18 25.52 5.24
N GLU A 142 -1.44 25.91 6.30
CA GLU A 142 -2.03 26.17 7.65
C GLU A 142 -2.76 24.93 8.23
N ASP A 143 -2.51 23.71 7.73
CA ASP A 143 -3.25 22.47 8.11
C ASP A 143 -2.38 21.64 9.07
N ILE A 144 -2.80 21.43 10.32
CA ILE A 144 -2.00 20.59 11.28
C ILE A 144 -2.58 19.17 11.46
N SER A 145 -3.40 18.65 10.53
CA SER A 145 -3.99 17.29 10.66
C SER A 145 -2.89 16.19 10.79
N GLY A 146 -3.13 15.20 11.67
CA GLY A 146 -2.18 14.17 12.12
C GLY A 146 -1.88 14.30 13.62
N ASN A 147 -0.76 13.74 14.08
CA ASN A 147 -0.37 13.72 15.52
C ASN A 147 0.26 15.07 15.89
N VAL A 148 -0.15 15.69 16.99
CA VAL A 148 0.38 17.02 17.42
C VAL A 148 1.92 17.04 17.54
N ASP A 149 2.55 15.89 17.81
CA ASP A 149 4.03 15.79 18.02
C ASP A 149 4.74 15.29 16.75
N SER A 150 4.09 15.19 15.59
CA SER A 150 4.83 14.76 14.39
C SER A 150 4.24 15.26 13.04
N PHE A 151 3.28 16.16 13.03
CA PHE A 151 2.52 16.54 11.80
C PHE A 151 3.45 17.19 10.75
N TRP A 152 4.54 17.86 11.16
CA TRP A 152 5.50 18.49 10.22
C TRP A 152 6.43 17.45 9.58
N LEU A 153 6.44 16.21 10.12
CA LEU A 153 7.26 15.05 9.64
C LEU A 153 6.37 14.10 8.82
N ASP A 154 5.12 13.88 9.18
CA ASP A 154 4.26 12.91 8.42
C ASP A 154 2.75 13.19 8.44
N GLY A 155 2.26 14.39 8.77
CA GLY A 155 0.83 14.74 8.68
C GLY A 155 0.52 15.57 7.43
N GLY A 156 -0.38 16.53 7.54
CA GLY A 156 -1.05 17.22 6.41
C GLY A 156 -0.44 18.56 6.04
N ILE A 157 0.49 19.09 6.84
CA ILE A 157 1.08 20.43 6.58
C ILE A 157 1.99 20.40 5.34
N ARG A 158 1.85 21.41 4.46
CA ARG A 158 2.68 21.57 3.24
C ARG A 158 3.05 23.05 3.03
N ILE A 159 4.22 23.32 2.45
CA ILE A 159 4.68 24.69 2.13
C ILE A 159 5.58 24.62 0.89
N SER A 160 5.48 25.64 0.02
CA SER A 160 6.37 25.85 -1.15
C SER A 160 7.57 26.74 -0.80
N ALA A 161 8.64 26.68 -1.62
CA ALA A 161 9.79 27.61 -1.54
C ALA A 161 9.35 29.09 -1.56
N THR A 162 8.47 29.52 -2.46
CA THR A 162 8.00 30.93 -2.48
C THR A 162 7.20 31.27 -1.19
N GLU A 163 6.40 30.34 -0.66
CA GLU A 163 5.70 30.53 0.67
C GLU A 163 6.72 30.61 1.84
N GLN A 164 7.85 29.90 1.80
CA GLN A 164 8.93 30.02 2.84
C GLN A 164 9.51 31.45 2.79
N ILE A 165 9.72 32.02 1.59
CA ILE A 165 10.24 33.42 1.45
C ILE A 165 9.26 34.40 2.11
N SER A 166 7.97 34.27 1.82
CA SER A 166 6.93 35.21 2.33
C SER A 166 7.00 35.26 3.85
N PHE A 167 7.03 34.08 4.45
CA PHE A 167 7.12 33.91 5.92
C PHE A 167 8.41 34.54 6.44
N LEU A 168 9.60 34.20 5.89
CA LEU A 168 10.90 34.74 6.37
C LEU A 168 10.96 36.28 6.25
N ARG A 169 10.42 36.88 5.18
CA ARG A 169 10.38 38.36 5.05
C ARG A 169 9.63 38.97 6.26
N LYS A 170 8.52 38.38 6.71
CA LYS A 170 7.76 38.92 7.88
C LYS A 170 8.63 38.81 9.13
N LEU A 171 9.30 37.68 9.33
CA LEU A 171 10.22 37.50 10.49
C LEU A 171 11.34 38.58 10.46
N TYR A 172 12.04 38.74 9.31
CA TYR A 172 13.12 39.74 9.18
C TYR A 172 12.61 41.12 9.65
N HIS A 173 11.39 41.53 9.26
CA HIS A 173 10.85 42.89 9.53
C HIS A 173 10.09 42.98 10.88
N ASN A 174 10.09 41.92 11.72
CA ASN A 174 9.39 41.88 13.03
C ASN A 174 7.89 42.11 12.82
N LYS A 175 7.33 41.64 11.71
CA LYS A 175 5.91 41.87 11.35
C LYS A 175 5.02 40.65 11.65
N LEU A 176 5.52 39.58 12.27
CA LEU A 176 4.60 38.44 12.58
C LEU A 176 3.82 38.82 13.85
N HIS A 177 2.67 38.17 14.11
CA HIS A 177 1.79 38.49 15.28
C HIS A 177 2.27 37.71 16.51
N VAL A 178 3.52 37.93 16.91
CA VAL A 178 4.07 37.55 18.24
C VAL A 178 4.94 38.74 18.68
N SER A 179 5.54 38.71 19.87
CA SER A 179 6.31 39.88 20.37
C SER A 179 7.59 40.09 19.55
N GLU A 180 8.12 41.32 19.59
CA GLU A 180 9.43 41.70 19.04
C GLU A 180 10.51 40.78 19.68
N ARG A 181 10.47 40.63 21.01
CA ARG A 181 11.38 39.75 21.81
C ARG A 181 11.42 38.32 21.20
N SER A 182 10.28 37.66 20.94
CA SER A 182 10.24 36.29 20.35
C SER A 182 10.96 36.25 19.00
N GLN A 183 10.71 37.26 18.16
CA GLN A 183 11.32 37.35 16.81
C GLN A 183 12.85 37.52 16.92
N ARG A 184 13.36 38.44 17.74
CA ARG A 184 14.81 38.65 17.94
C ARG A 184 15.52 37.38 18.43
N ILE A 185 14.94 36.66 19.39
CA ILE A 185 15.59 35.42 19.93
C ILE A 185 15.66 34.32 18.85
N VAL A 186 14.63 34.14 18.03
CA VAL A 186 14.64 33.11 16.95
C VAL A 186 15.68 33.48 15.88
N LYS A 187 15.84 34.76 15.53
CA LYS A 187 16.85 35.22 14.52
C LYS A 187 18.27 34.96 15.05
N GLN A 188 18.49 35.14 16.36
CA GLN A 188 19.75 34.71 17.03
C GLN A 188 19.97 33.19 16.88
N ALA A 189 18.98 32.36 17.19
CA ALA A 189 19.10 30.88 17.07
C ALA A 189 19.34 30.44 15.62
N MET A 190 18.90 31.21 14.58
CA MET A 190 19.11 30.88 13.15
C MET A 190 20.55 31.19 12.69
N LEU A 191 21.35 31.90 13.47
CA LEU A 191 22.70 32.29 13.02
C LEU A 191 23.52 31.05 12.60
N THR A 192 24.06 31.07 11.39
CA THR A 192 24.75 29.89 10.78
C THR A 192 26.20 30.26 10.46
N GLU A 193 26.45 31.41 9.83
CA GLU A 193 27.80 31.84 9.38
C GLU A 193 27.92 33.37 9.41
N ALA A 194 29.09 33.92 9.77
CA ALA A 194 29.37 35.36 9.71
C ALA A 194 30.86 35.63 9.49
N ASN A 195 31.16 36.70 8.74
CA ASN A 195 32.55 37.18 8.50
C ASN A 195 32.46 38.65 8.06
N GLY A 196 33.56 39.25 7.59
CA GLY A 196 33.59 40.64 7.10
C GLY A 196 32.80 40.89 5.81
N ASP A 197 32.36 39.86 5.08
CA ASP A 197 31.63 40.03 3.80
C ASP A 197 30.10 39.82 3.94
N TYR A 198 29.65 38.92 4.82
CA TYR A 198 28.21 38.56 4.90
C TYR A 198 27.84 37.87 6.22
N ILE A 199 26.53 37.86 6.52
CA ILE A 199 25.89 37.08 7.63
C ILE A 199 24.81 36.17 6.99
N ILE A 200 24.80 34.88 7.33
CA ILE A 200 23.70 33.93 6.93
C ILE A 200 22.94 33.50 8.18
N ARG A 201 21.64 33.75 8.18
CA ARG A 201 20.68 33.20 9.14
C ARG A 201 19.79 32.21 8.38
N ALA A 202 19.70 30.95 8.83
CA ALA A 202 19.04 29.88 8.04
C ALA A 202 18.71 28.64 8.87
N LYS A 203 17.98 27.69 8.23
CA LYS A 203 17.66 26.37 8.84
C LYS A 203 17.59 25.30 7.73
N THR A 204 18.23 24.15 8.00
CA THR A 204 18.19 22.92 7.18
C THR A 204 16.92 22.09 7.47
N GLY A 205 16.51 21.29 6.51
CA GLY A 205 15.46 20.26 6.65
C GLY A 205 15.77 19.01 5.84
N TYR A 206 15.19 17.87 6.22
CA TYR A 206 15.35 16.58 5.50
C TYR A 206 14.09 15.75 5.70
N SER A 207 13.25 15.64 4.69
CA SER A 207 11.92 14.99 4.76
C SER A 207 12.00 13.57 4.15
N THR A 208 11.79 12.50 4.92
CA THR A 208 11.91 11.11 4.39
C THR A 208 10.68 10.22 4.65
N ARG A 209 9.67 10.67 5.41
CA ARG A 209 8.55 9.79 5.85
C ARG A 209 7.54 9.67 4.72
N ILE A 210 7.53 10.60 3.76
CA ILE A 210 6.59 10.60 2.59
C ILE A 210 7.39 10.92 1.31
N GLU A 211 7.04 10.30 0.18
CA GLU A 211 7.71 10.55 -1.11
C GLU A 211 7.22 11.88 -1.70
N PRO A 212 8.05 12.60 -2.48
CA PRO A 212 9.47 12.29 -2.68
C PRO A 212 10.36 12.72 -1.50
N LYS A 213 11.45 11.99 -1.25
CA LYS A 213 12.44 12.37 -0.19
C LYS A 213 13.20 13.63 -0.64
N ILE A 214 13.23 14.69 0.18
CA ILE A 214 13.80 16.01 -0.21
C ILE A 214 14.64 16.58 0.96
N GLY A 215 15.61 17.41 0.58
CA GLY A 215 16.38 18.32 1.46
C GLY A 215 15.98 19.77 1.27
N TRP A 216 15.96 20.57 2.37
CA TRP A 216 15.62 22.01 2.35
C TRP A 216 16.84 22.82 2.85
N TRP A 217 17.00 24.05 2.38
CA TRP A 217 17.78 25.13 3.09
C TRP A 217 17.05 26.45 2.86
N VAL A 218 16.62 27.12 3.93
CA VAL A 218 15.87 28.39 3.85
C VAL A 218 16.50 29.42 4.80
N GLY A 219 16.52 30.69 4.39
CA GLY A 219 17.06 31.77 5.25
C GLY A 219 17.29 33.05 4.48
N TRP A 220 18.30 33.81 4.92
CA TRP A 220 18.74 35.03 4.20
C TRP A 220 20.24 35.35 4.40
N VAL A 221 20.70 36.24 3.53
CA VAL A 221 22.09 36.77 3.44
C VAL A 221 22.02 38.26 3.66
N GLU A 222 22.59 38.74 4.77
CA GLU A 222 22.66 40.17 5.15
C GLU A 222 23.98 40.72 4.59
N LEU A 223 23.89 41.75 3.75
CA LEU A 223 25.04 42.53 3.24
C LEU A 223 25.00 43.92 3.90
N ASP A 224 26.01 44.74 3.67
CA ASP A 224 26.06 46.11 4.23
C ASP A 224 24.82 46.92 3.83
N ASP A 225 24.34 46.85 2.58
CA ASP A 225 23.19 47.71 2.19
C ASP A 225 22.09 46.94 1.44
N ASN A 226 21.90 45.63 1.68
CA ASN A 226 20.79 44.86 1.04
C ASN A 226 20.58 43.55 1.80
N VAL A 227 19.45 42.88 1.53
CA VAL A 227 19.16 41.52 2.06
C VAL A 227 18.68 40.67 0.89
N TRP A 228 19.27 39.48 0.73
CA TRP A 228 18.84 38.45 -0.25
C TRP A 228 18.20 37.27 0.52
N PHE A 229 16.90 37.07 0.38
CA PHE A 229 16.21 35.87 0.94
C PHE A 229 16.43 34.71 -0.02
N PHE A 230 16.57 33.48 0.52
CA PHE A 230 16.66 32.24 -0.28
C PHE A 230 15.82 31.09 0.34
N ALA A 231 15.39 30.21 -0.55
CA ALA A 231 14.73 28.92 -0.23
C ALA A 231 15.04 27.93 -1.35
N MET A 232 15.65 26.81 -0.97
CA MET A 232 16.01 25.72 -1.91
C MET A 232 15.43 24.40 -1.43
N ASN A 233 14.96 23.57 -2.36
CA ASN A 233 14.77 22.13 -2.05
C ASN A 233 15.29 21.28 -3.21
N MET A 234 15.66 20.04 -2.91
CA MET A 234 16.29 19.11 -3.88
C MET A 234 15.98 17.64 -3.54
N ASP A 235 15.85 16.79 -4.58
CA ASP A 235 15.69 15.33 -4.41
C ASP A 235 16.89 14.81 -3.59
N MET A 236 16.63 13.93 -2.63
CA MET A 236 17.63 13.43 -1.65
C MET A 236 17.41 11.93 -1.41
N PRO A 237 17.74 11.05 -2.38
CA PRO A 237 17.45 9.61 -2.25
C PRO A 237 18.15 8.91 -1.08
N THR A 238 19.36 9.33 -0.69
CA THR A 238 20.11 8.84 0.49
C THR A 238 20.64 10.06 1.24
N SER A 239 21.04 9.90 2.49
CA SER A 239 21.60 11.00 3.31
C SER A 239 23.02 11.40 2.85
N ASP A 240 23.63 10.68 1.89
CA ASP A 240 25.01 10.97 1.40
C ASP A 240 25.10 12.35 0.73
N GLY A 241 24.03 12.82 0.07
CA GLY A 241 24.04 14.14 -0.60
C GLY A 241 23.69 15.34 0.28
N LEU A 242 23.53 15.19 1.60
CA LEU A 242 22.94 16.30 2.42
C LEU A 242 23.76 17.59 2.34
N GLY A 243 25.08 17.50 2.16
CA GLY A 243 25.98 18.67 2.11
C GLY A 243 25.73 19.51 0.87
N LEU A 244 25.09 18.95 -0.15
CA LEU A 244 24.75 19.67 -1.40
C LEU A 244 23.70 20.76 -1.13
N ARG A 245 22.85 20.62 -0.12
CA ARG A 245 21.87 21.70 0.18
C ARG A 245 22.63 23.06 0.23
N GLN A 246 23.71 23.14 1.01
CA GLN A 246 24.46 24.40 1.24
C GLN A 246 25.35 24.70 0.03
N ALA A 247 26.05 23.70 -0.51
CA ALA A 247 27.09 23.88 -1.56
C ALA A 247 26.46 24.38 -2.87
N ILE A 248 25.31 23.82 -3.30
CA ILE A 248 24.62 24.26 -4.54
C ILE A 248 24.06 25.67 -4.35
N THR A 249 23.42 25.99 -3.21
CA THR A 249 23.00 27.37 -2.88
C THR A 249 24.19 28.35 -2.97
N LYS A 250 25.35 28.02 -2.42
CA LYS A 250 26.51 28.96 -2.42
C LYS A 250 27.06 29.14 -3.85
N GLU A 251 26.94 28.12 -4.70
CA GLU A 251 27.34 28.22 -6.13
C GLU A 251 26.43 29.25 -6.85
N VAL A 252 25.11 29.26 -6.56
CA VAL A 252 24.20 30.28 -7.16
C VAL A 252 24.56 31.66 -6.60
N LEU A 253 24.75 31.78 -5.29
CA LEU A 253 25.07 33.11 -4.67
C LEU A 253 26.39 33.60 -5.32
N LYS A 254 27.38 32.74 -5.53
CA LYS A 254 28.69 33.15 -6.13
C LYS A 254 28.49 33.66 -7.58
N GLN A 255 27.74 32.91 -8.41
CA GLN A 255 27.45 33.22 -9.84
C GLN A 255 26.79 34.60 -9.91
N GLU A 256 25.87 34.90 -9.00
CA GLU A 256 25.18 36.21 -8.99
C GLU A 256 26.00 37.28 -8.24
N LYS A 257 27.24 36.98 -7.81
CA LYS A 257 28.16 37.95 -7.12
C LYS A 257 27.51 38.56 -5.86
N ILE A 258 26.72 37.77 -5.13
CA ILE A 258 26.11 38.17 -3.82
C ILE A 258 27.12 37.92 -2.70
N ILE A 259 27.89 36.82 -2.80
CA ILE A 259 29.03 36.50 -1.90
C ILE A 259 30.27 36.31 -2.78
N PRO A 260 31.48 36.49 -2.22
CA PRO A 260 32.74 36.18 -2.91
C PRO A 260 32.96 34.67 -3.06
N GLU B 19 11.06 -25.85 32.70
CA GLU B 19 12.48 -26.24 32.57
C GLU B 19 13.06 -25.60 31.31
N TRP B 20 14.22 -24.97 31.51
CA TRP B 20 14.92 -24.08 30.56
C TRP B 20 16.37 -24.51 30.45
N GLN B 21 16.93 -24.57 29.25
CA GLN B 21 18.36 -24.94 29.08
C GLN B 21 19.01 -24.01 28.06
N GLU B 22 20.26 -23.67 28.31
CA GLU B 22 21.06 -22.74 27.45
C GLU B 22 21.94 -23.62 26.56
N ASN B 23 22.07 -23.31 25.28
CA ASN B 23 22.99 -23.99 24.34
C ASN B 23 23.75 -22.93 23.54
N LYS B 24 24.99 -22.66 23.96
CA LYS B 24 25.82 -21.57 23.39
C LYS B 24 26.46 -22.02 22.07
N SER B 25 26.33 -23.27 21.66
CA SER B 25 26.81 -23.70 20.33
C SER B 25 26.03 -22.96 19.24
N TRP B 26 24.80 -22.50 19.53
CA TRP B 26 24.00 -21.73 18.53
C TRP B 26 24.67 -20.39 18.19
N ASN B 27 25.55 -19.86 19.06
CA ASN B 27 26.23 -18.56 18.82
C ASN B 27 27.06 -18.60 17.53
N ALA B 28 27.55 -19.75 17.11
CA ALA B 28 28.30 -19.92 15.84
C ALA B 28 27.46 -19.45 14.64
N HIS B 29 26.15 -19.68 14.67
CA HIS B 29 25.24 -19.30 13.57
C HIS B 29 25.15 -17.76 13.44
N PHE B 30 25.26 -17.02 14.55
CA PHE B 30 25.27 -15.52 14.56
C PHE B 30 26.68 -15.01 14.22
N THR B 31 27.73 -15.59 14.81
CA THR B 31 29.14 -15.09 14.64
C THR B 31 29.63 -15.34 13.19
N GLU B 32 29.31 -16.46 12.55
CA GLU B 32 29.54 -16.69 11.09
C GLU B 32 29.23 -15.41 10.30
N HIS B 33 28.17 -14.67 10.68
CA HIS B 33 27.67 -13.50 9.93
C HIS B 33 28.05 -12.17 10.59
N LYS B 34 28.96 -12.19 11.57
CA LYS B 34 29.42 -11.00 12.33
C LYS B 34 28.19 -10.26 12.89
N SER B 35 27.31 -10.96 13.62
CA SER B 35 26.09 -10.40 14.23
C SER B 35 25.88 -11.02 15.61
N GLN B 36 24.88 -10.54 16.36
N GLN B 36 24.84 -10.56 16.31
CA GLN B 36 24.54 -11.07 17.71
CA GLN B 36 24.49 -10.97 17.70
C GLN B 36 23.01 -11.07 17.84
C GLN B 36 22.97 -11.08 17.80
N GLY B 37 22.47 -12.00 18.64
CA GLY B 37 21.02 -12.16 18.82
C GLY B 37 20.67 -13.36 19.66
N VAL B 38 19.36 -13.66 19.73
CA VAL B 38 18.78 -14.76 20.55
C VAL B 38 17.76 -15.53 19.70
N VAL B 39 17.78 -16.86 19.85
CA VAL B 39 16.70 -17.80 19.37
C VAL B 39 16.15 -18.48 20.61
N VAL B 40 14.82 -18.46 20.77
CA VAL B 40 14.10 -19.20 21.82
C VAL B 40 13.19 -20.25 21.14
N LEU B 41 13.33 -21.53 21.51
CA LEU B 41 12.42 -22.62 21.07
C LEU B 41 11.65 -23.16 22.27
N TRP B 42 10.44 -23.65 22.03
CA TRP B 42 9.60 -24.34 23.05
C TRP B 42 8.98 -25.61 22.44
N ASN B 43 9.33 -26.77 22.99
CA ASN B 43 8.81 -28.13 22.62
C ASN B 43 7.48 -28.32 23.33
N GLU B 44 6.36 -28.28 22.62
CA GLU B 44 5.01 -28.27 23.25
C GLU B 44 4.73 -29.64 23.94
N ASN B 45 5.10 -30.76 23.31
CA ASN B 45 4.81 -32.12 23.87
C ASN B 45 5.52 -32.28 25.23
N LYS B 46 6.77 -31.84 25.36
CA LYS B 46 7.60 -32.01 26.58
C LYS B 46 7.51 -30.82 27.54
N GLN B 47 6.94 -29.69 27.11
CA GLN B 47 6.88 -28.42 27.89
C GLN B 47 8.29 -28.03 28.34
N GLN B 48 9.25 -27.99 27.40
CA GLN B 48 10.64 -27.58 27.65
C GLN B 48 11.06 -26.46 26.68
N GLY B 49 11.87 -25.51 27.17
CA GLY B 49 12.51 -24.43 26.39
C GLY B 49 14.03 -24.59 26.25
N PHE B 50 14.57 -23.94 25.23
CA PHE B 50 15.98 -23.97 24.79
C PHE B 50 16.31 -22.58 24.23
N THR B 51 17.43 -22.00 24.63
CA THR B 51 17.89 -20.69 24.09
C THR B 51 19.43 -20.61 24.14
N ASN B 52 20.04 -19.83 23.25
CA ASN B 52 21.49 -19.53 23.31
C ASN B 52 21.83 -18.43 24.34
N ASN B 53 20.86 -17.75 24.96
CA ASN B 53 21.13 -16.53 25.78
C ASN B 53 19.94 -16.26 26.69
N LEU B 54 19.96 -16.81 27.90
CA LEU B 54 18.82 -16.73 28.88
C LEU B 54 18.54 -15.26 29.25
N LYS B 55 19.57 -14.41 29.29
CA LYS B 55 19.36 -12.96 29.62
C LYS B 55 18.62 -12.27 28.46
N ARG B 56 19.11 -12.34 27.23
CA ARG B 56 18.48 -11.60 26.10
C ARG B 56 17.10 -12.19 25.78
N ALA B 57 16.88 -13.47 26.09
CA ALA B 57 15.57 -14.14 25.88
C ALA B 57 14.50 -13.42 26.72
N ASN B 58 14.87 -12.75 27.82
CA ASN B 58 13.88 -12.06 28.70
C ASN B 58 14.05 -10.52 28.67
N GLN B 59 14.80 -9.96 27.71
CA GLN B 59 14.88 -8.50 27.44
C GLN B 59 13.73 -8.06 26.49
N ALA B 60 13.03 -6.98 26.83
CA ALA B 60 11.84 -6.46 26.09
C ALA B 60 12.26 -5.37 25.08
N PHE B 61 11.68 -5.43 23.87
CA PHE B 61 11.92 -4.53 22.71
C PHE B 61 10.56 -4.08 22.15
N LEU B 62 10.56 -3.00 21.37
CA LEU B 62 9.38 -2.65 20.52
C LEU B 62 9.04 -3.87 19.64
N PRO B 63 7.76 -4.24 19.54
CA PRO B 63 7.34 -5.35 18.68
C PRO B 63 7.37 -5.08 17.17
N ALA B 64 7.27 -3.79 16.77
CA ALA B 64 7.19 -3.33 15.37
C ALA B 64 6.17 -4.22 14.65
N SER B 65 6.46 -4.73 13.44
CA SER B 65 5.41 -5.44 12.64
C SER B 65 4.95 -6.80 13.23
N THR B 66 5.59 -7.33 14.29
CA THR B 66 5.06 -8.54 14.99
C THR B 66 3.74 -8.16 15.67
N PHE B 67 3.45 -6.87 15.87
CA PHE B 67 2.17 -6.35 16.45
C PHE B 67 0.98 -6.56 15.49
N ILE B 69 -0.07 -9.31 14.50
CA ILE B 69 -0.81 -10.46 14.97
C ILE B 69 -1.91 -10.01 15.93
N PRO B 70 -1.66 -9.39 17.12
CA PRO B 70 -2.76 -8.90 17.97
C PRO B 70 -3.68 -7.84 17.31
N ASN B 71 -3.13 -6.93 16.50
CA ASN B 71 -3.91 -5.88 15.79
C ASN B 71 -4.97 -6.56 14.90
N SER B 72 -4.59 -7.58 14.13
CA SER B 72 -5.51 -8.40 13.27
C SER B 72 -6.62 -9.06 14.10
N LEU B 73 -6.28 -9.68 15.24
CA LEU B 73 -7.24 -10.38 16.13
C LEU B 73 -8.30 -9.40 16.63
N ILE B 74 -7.89 -8.21 17.08
CA ILE B 74 -8.80 -7.18 17.66
C ILE B 74 -9.72 -6.59 16.58
N ALA B 75 -9.17 -6.21 15.42
CA ALA B 75 -9.95 -5.67 14.26
C ALA B 75 -11.06 -6.66 13.85
N LEU B 76 -10.75 -7.95 13.74
CA LEU B 76 -11.73 -9.01 13.35
C LEU B 76 -12.80 -9.17 14.44
N ASP B 77 -12.40 -9.24 15.71
CA ASP B 77 -13.35 -9.47 16.81
C ASP B 77 -14.32 -8.30 17.01
N LEU B 78 -13.96 -7.08 16.62
CA LEU B 78 -14.83 -5.87 16.77
C LEU B 78 -15.59 -5.58 15.47
N GLY B 79 -15.42 -6.34 14.40
CA GLY B 79 -16.10 -6.05 13.12
C GLY B 79 -15.48 -4.90 12.33
N VAL B 80 -14.30 -4.39 12.71
CA VAL B 80 -13.53 -3.43 11.87
C VAL B 80 -13.11 -4.10 10.55
N VAL B 81 -12.72 -5.38 10.58
CA VAL B 81 -12.48 -6.20 9.37
C VAL B 81 -13.54 -7.31 9.35
N LYS B 82 -14.25 -7.45 8.24
CA LYS B 82 -15.42 -8.40 8.12
C LYS B 82 -14.93 -9.84 7.93
N ASP B 83 -13.92 -10.04 7.07
CA ASP B 83 -13.37 -11.37 6.73
C ASP B 83 -12.07 -11.16 5.95
N GLU B 84 -11.43 -12.25 5.52
CA GLU B 84 -10.08 -12.24 4.90
C GLU B 84 -10.14 -11.76 3.44
N HIS B 85 -11.33 -11.51 2.87
CA HIS B 85 -11.52 -11.10 1.45
C HIS B 85 -11.81 -9.60 1.29
N GLN B 86 -12.29 -8.92 2.34
CA GLN B 86 -12.60 -7.46 2.32
C GLN B 86 -11.38 -6.66 1.82
N VAL B 87 -11.58 -5.79 0.81
CA VAL B 87 -10.51 -5.00 0.13
C VAL B 87 -10.35 -3.62 0.80
N PHE B 88 -9.13 -3.27 1.19
CA PHE B 88 -8.74 -1.95 1.74
C PHE B 88 -8.07 -1.18 0.60
N LYS B 89 -8.78 -0.25 0.00
CA LYS B 89 -8.34 0.50 -1.21
C LYS B 89 -7.11 1.35 -0.87
N TRP B 90 -6.07 1.35 -1.69
CA TRP B 90 -4.91 2.29 -1.55
C TRP B 90 -5.44 3.75 -1.49
N ASP B 91 -4.93 4.58 -0.59
CA ASP B 91 -5.29 6.03 -0.42
C ASP B 91 -4.66 6.94 -1.50
N GLY B 92 -3.90 6.42 -2.48
CA GLY B 92 -3.32 7.18 -3.61
C GLY B 92 -2.13 8.06 -3.21
N GLN B 93 -1.59 7.86 -2.03
CA GLN B 93 -0.32 8.54 -1.61
C GLN B 93 0.86 7.61 -1.89
N THR B 94 1.78 8.06 -2.73
CA THR B 94 2.96 7.25 -3.16
C THR B 94 3.87 7.05 -1.94
N ARG B 95 4.14 5.80 -1.54
CA ARG B 95 5.13 5.50 -0.48
C ARG B 95 6.32 4.76 -1.11
N ASP B 96 7.35 4.60 -0.28
CA ASP B 96 8.72 4.04 -0.53
C ASP B 96 8.69 2.59 -1.05
N ILE B 97 7.81 1.75 -0.51
CA ILE B 97 7.70 0.29 -0.79
C ILE B 97 6.62 0.07 -1.86
N ALA B 98 7.00 -0.35 -3.06
CA ALA B 98 6.10 -0.48 -4.24
C ALA B 98 4.86 -1.36 -3.92
N THR B 99 4.98 -2.46 -3.14
CA THR B 99 3.86 -3.39 -2.81
C THR B 99 2.81 -2.68 -1.93
N TRP B 100 3.15 -1.56 -1.27
CA TRP B 100 2.18 -0.79 -0.42
C TRP B 100 1.24 0.09 -1.29
N ASN B 101 1.64 0.38 -2.52
CA ASN B 101 0.93 1.35 -3.42
C ASN B 101 -0.11 0.59 -4.25
N ARG B 102 -1.02 -0.12 -3.57
CA ARG B 102 -2.04 -0.96 -4.22
C ARG B 102 -3.09 -1.41 -3.19
N ASP B 103 -4.16 -2.02 -3.70
CA ASP B 103 -5.29 -2.55 -2.88
C ASP B 103 -4.82 -3.80 -2.13
N HIS B 104 -5.31 -4.05 -0.90
CA HIS B 104 -4.93 -5.24 -0.07
C HIS B 104 -6.16 -5.87 0.56
N ASN B 105 -6.05 -7.15 0.95
CA ASN B 105 -7.00 -7.81 1.88
C ASN B 105 -6.16 -8.20 3.10
N LEU B 106 -6.74 -8.86 4.11
CA LEU B 106 -6.00 -9.19 5.37
C LEU B 106 -4.80 -10.10 5.06
N ILE B 107 -4.95 -11.03 4.12
CA ILE B 107 -3.89 -12.01 3.71
C ILE B 107 -2.71 -11.25 3.11
N THR B 108 -2.95 -10.33 2.19
CA THR B 108 -1.85 -9.66 1.41
C THR B 108 -1.26 -8.56 2.29
N ALA B 109 -2.03 -7.93 3.18
CA ALA B 109 -1.55 -6.88 4.09
C ALA B 109 -0.53 -7.45 5.09
N MET B 110 -0.78 -8.67 5.57
N MET B 110 -0.76 -8.67 5.58
CA MET B 110 0.12 -9.41 6.50
CA MET B 110 0.20 -9.31 6.53
C MET B 110 1.41 -9.76 5.76
C MET B 110 1.43 -9.75 5.75
N LYS B 111 1.25 -10.35 4.57
CA LYS B 111 2.36 -10.89 3.74
C LYS B 111 3.36 -9.77 3.42
N TYR B 112 2.88 -8.60 2.97
CA TYR B 112 3.77 -7.48 2.56
C TYR B 112 3.99 -6.50 3.73
N SER B 113 3.44 -6.76 4.93
CA SER B 113 3.67 -5.94 6.14
C SER B 113 3.28 -4.47 5.87
N VAL B 114 2.02 -4.27 5.48
CA VAL B 114 1.49 -2.99 4.92
C VAL B 114 1.03 -2.07 6.06
N VAL B 115 1.96 -1.26 6.58
CA VAL B 115 1.79 -0.41 7.79
C VAL B 115 0.58 0.51 7.66
N PRO B 116 0.38 1.26 6.56
CA PRO B 116 -0.77 2.17 6.49
C PRO B 116 -2.16 1.52 6.63
N VAL B 117 -2.32 0.28 6.20
CA VAL B 117 -3.62 -0.44 6.38
C VAL B 117 -3.86 -0.66 7.88
N TYR B 118 -2.83 -1.09 8.60
CA TYR B 118 -2.91 -1.41 10.05
C TYR B 118 -3.04 -0.12 10.89
N GLN B 119 -2.45 0.98 10.43
CA GLN B 119 -2.64 2.29 11.13
C GLN B 119 -4.12 2.70 11.08
N GLU B 120 -4.82 2.53 9.94
CA GLU B 120 -6.26 2.82 9.84
C GLU B 120 -7.06 1.85 10.75
N PHE B 121 -6.72 0.56 10.80
CA PHE B 121 -7.38 -0.36 11.77
C PHE B 121 -7.29 0.25 13.18
N ALA B 122 -6.08 0.66 13.59
CA ALA B 122 -5.81 1.16 14.97
C ALA B 122 -6.70 2.37 15.28
N ARG B 123 -6.85 3.31 14.33
N ARG B 123 -6.87 3.30 14.33
CA ARG B 123 -7.69 4.52 14.49
CA ARG B 123 -7.70 4.52 14.54
C ARG B 123 -9.15 4.12 14.77
C ARG B 123 -9.16 4.13 14.77
N GLN B 124 -9.69 3.13 14.03
CA GLN B 124 -11.10 2.67 14.20
C GLN B 124 -11.30 1.88 15.50
N ILE B 125 -10.31 1.11 15.94
CA ILE B 125 -10.40 0.37 17.24
C ILE B 125 -10.46 1.43 18.37
N GLY B 126 -9.55 2.41 18.36
CA GLY B 126 -9.48 3.49 19.36
C GLY B 126 -8.73 3.07 20.62
N GLU B 127 -8.28 4.04 21.41
CA GLU B 127 -7.41 3.85 22.58
C GLU B 127 -8.06 2.98 23.65
N ALA B 128 -9.31 3.25 24.04
CA ALA B 128 -9.95 2.58 25.19
C ALA B 128 -10.09 1.07 24.89
N ARG B 129 -10.51 0.69 23.69
CA ARG B 129 -10.72 -0.74 23.31
C ARG B 129 -9.36 -1.43 23.07
N MET B 130 -8.38 -0.74 22.49
CA MET B 130 -7.02 -1.32 22.24
C MET B 130 -6.37 -1.70 23.58
N SER B 131 -6.47 -0.81 24.58
CA SER B 131 -5.92 -0.99 25.95
C SER B 131 -6.64 -2.14 26.69
N LYS B 132 -7.96 -2.21 26.65
CA LYS B 132 -8.73 -3.29 27.35
C LYS B 132 -8.35 -4.65 26.75
N MET B 133 -8.22 -4.71 25.42
CA MET B 133 -7.93 -5.99 24.70
C MET B 133 -6.49 -6.46 24.99
N LEU B 134 -5.49 -5.57 25.03
CA LEU B 134 -4.07 -6.01 25.27
C LEU B 134 -3.95 -6.52 26.73
N HIS B 135 -4.67 -5.93 27.70
CA HIS B 135 -4.71 -6.45 29.09
C HIS B 135 -5.34 -7.86 29.11
N ALA B 136 -6.50 -8.05 28.49
CA ALA B 136 -7.17 -9.39 28.36
C ALA B 136 -6.22 -10.42 27.74
N PHE B 137 -5.37 -10.06 26.74
CA PHE B 137 -4.38 -10.96 26.09
C PHE B 137 -3.12 -11.20 26.97
N ASP B 138 -2.87 -10.42 28.03
CA ASP B 138 -1.61 -10.45 28.82
C ASP B 138 -0.41 -10.17 27.88
N TYR B 139 -0.54 -9.30 26.86
CA TYR B 139 0.49 -9.04 25.81
C TYR B 139 1.54 -8.03 26.32
N GLY B 140 2.79 -8.47 26.49
CA GLY B 140 3.95 -7.64 26.82
C GLY B 140 3.72 -6.81 28.08
N ASN B 141 4.11 -5.54 28.07
CA ASN B 141 3.91 -4.60 29.21
C ASN B 141 2.51 -3.99 29.15
N GLU B 142 1.70 -4.36 28.13
CA GLU B 142 0.29 -3.92 27.97
C GLU B 142 0.19 -2.38 27.83
N ASP B 143 1.28 -1.65 27.60
CA ASP B 143 1.32 -0.16 27.66
C ASP B 143 1.15 0.44 26.26
N ILE B 144 0.06 1.19 25.98
CA ILE B 144 -0.17 1.80 24.63
C ILE B 144 0.15 3.29 24.63
N SER B 145 1.00 3.78 25.53
CA SER B 145 1.38 5.22 25.61
C SER B 145 2.05 5.66 24.28
N GLY B 146 1.65 6.85 23.82
CA GLY B 146 2.06 7.41 22.51
C GLY B 146 0.84 7.59 21.60
N ASN B 147 1.05 7.71 20.29
CA ASN B 147 -0.04 7.95 19.32
C ASN B 147 -0.70 6.60 18.97
N VAL B 148 -2.03 6.58 18.94
CA VAL B 148 -2.83 5.33 18.73
C VAL B 148 -2.50 4.72 17.38
N ASP B 149 -2.02 5.48 16.38
CA ASP B 149 -1.68 4.96 15.02
C ASP B 149 -0.20 4.60 14.88
N SER B 150 0.63 4.69 15.92
CA SER B 150 2.06 4.32 15.78
C SER B 150 2.72 3.81 17.07
N PHE B 151 2.00 3.51 18.16
CA PHE B 151 2.62 3.17 19.48
C PHE B 151 3.52 1.90 19.40
N TRP B 152 3.26 0.96 18.48
CA TRP B 152 4.02 -0.29 18.31
C TRP B 152 5.31 -0.09 17.51
N LEU B 153 5.51 1.08 16.88
CA LEU B 153 6.72 1.53 16.15
C LEU B 153 7.56 2.51 16.99
N ASP B 154 6.98 3.38 17.83
CA ASP B 154 7.77 4.42 18.57
C ASP B 154 7.11 4.89 19.88
N GLY B 155 6.19 4.11 20.45
CA GLY B 155 5.57 4.43 21.74
C GLY B 155 6.18 3.59 22.88
N GLY B 156 5.39 3.29 23.91
CA GLY B 156 5.87 2.69 25.16
C GLY B 156 5.65 1.20 25.27
N ILE B 157 5.01 0.55 24.27
CA ILE B 157 4.77 -0.93 24.34
C ILE B 157 6.09 -1.68 24.11
N ARG B 158 6.31 -2.76 24.89
CA ARG B 158 7.56 -3.59 24.89
C ARG B 158 7.19 -5.08 25.12
N ILE B 159 7.95 -6.00 24.52
CA ILE B 159 7.70 -7.47 24.61
C ILE B 159 9.02 -8.21 24.42
N SER B 160 9.24 -9.25 25.24
CA SER B 160 10.40 -10.18 25.18
C SER B 160 10.08 -11.40 24.29
N ALA B 161 11.13 -12.09 23.83
CA ALA B 161 11.03 -13.39 23.10
C ALA B 161 10.25 -14.45 23.90
N THR B 162 10.44 -14.57 25.23
CA THR B 162 9.65 -15.54 26.04
C THR B 162 8.19 -15.06 26.14
N GLU B 163 7.91 -13.76 26.23
CA GLU B 163 6.52 -13.19 26.27
C GLU B 163 5.85 -13.40 24.89
N GLN B 164 6.59 -13.38 23.78
CA GLN B 164 6.02 -13.67 22.43
C GLN B 164 5.55 -15.15 22.38
N ILE B 165 6.37 -16.09 22.84
CA ILE B 165 6.00 -17.55 22.89
C ILE B 165 4.75 -17.72 23.77
N SER B 166 4.70 -17.07 24.92
CA SER B 166 3.53 -17.23 25.83
C SER B 166 2.25 -16.83 25.09
N PHE B 167 2.27 -15.73 24.31
CA PHE B 167 1.08 -15.23 23.55
C PHE B 167 0.76 -16.21 22.42
N LEU B 168 1.76 -16.62 21.62
CA LEU B 168 1.54 -17.52 20.45
C LEU B 168 0.94 -18.85 20.91
N ARG B 169 1.26 -19.35 22.12
CA ARG B 169 0.72 -20.65 22.61
C ARG B 169 -0.79 -20.52 22.85
N LYS B 170 -1.25 -19.40 23.42
CA LYS B 170 -2.70 -19.13 23.60
C LYS B 170 -3.39 -19.10 22.23
N LEU B 171 -2.83 -18.37 21.25
CA LEU B 171 -3.39 -18.32 19.87
C LEU B 171 -3.51 -19.74 19.30
N TYR B 172 -2.42 -20.54 19.32
CA TYR B 172 -2.41 -21.94 18.79
C TYR B 172 -3.58 -22.73 19.40
N HIS B 173 -3.87 -22.58 20.69
CA HIS B 173 -4.87 -23.41 21.43
C HIS B 173 -6.28 -22.76 21.43
N ASN B 174 -6.48 -21.62 20.73
CA ASN B 174 -7.78 -20.91 20.66
C ASN B 174 -8.18 -20.43 22.07
N LYS B 175 -7.20 -20.12 22.94
CA LYS B 175 -7.49 -19.77 24.34
C LYS B 175 -7.49 -18.25 24.59
N LEU B 176 -7.27 -17.36 23.59
CA LEU B 176 -7.41 -15.89 23.82
C LEU B 176 -8.90 -15.54 23.98
N HIS B 177 -9.22 -14.42 24.65
CA HIS B 177 -10.63 -13.97 24.90
C HIS B 177 -11.11 -13.14 23.70
N VAL B 178 -11.08 -13.74 22.51
CA VAL B 178 -11.80 -13.30 21.28
C VAL B 178 -12.42 -14.58 20.70
N SER B 179 -13.25 -14.48 19.66
CA SER B 179 -13.98 -15.65 19.09
C SER B 179 -12.99 -16.67 18.50
N GLU B 180 -13.39 -17.95 18.41
CA GLU B 180 -12.62 -19.02 17.70
C GLU B 180 -12.38 -18.56 16.25
N ARG B 181 -13.39 -17.97 15.61
CA ARG B 181 -13.35 -17.53 14.17
C ARG B 181 -12.20 -16.51 13.96
N SER B 182 -12.09 -15.49 14.81
CA SER B 182 -10.98 -14.49 14.78
C SER B 182 -9.60 -15.17 14.83
N GLN B 183 -9.43 -16.15 15.72
CA GLN B 183 -8.16 -16.89 15.90
C GLN B 183 -7.88 -17.75 14.66
N ARG B 184 -8.88 -18.46 14.11
CA ARG B 184 -8.66 -19.29 12.89
C ARG B 184 -8.27 -18.39 11.70
N ILE B 185 -8.90 -17.23 11.55
CA ILE B 185 -8.56 -16.33 10.39
C ILE B 185 -7.14 -15.76 10.52
N VAL B 186 -6.72 -15.34 11.71
CA VAL B 186 -5.31 -14.82 11.84
C VAL B 186 -4.27 -15.92 11.59
N LYS B 187 -4.48 -17.17 12.07
CA LYS B 187 -3.54 -18.29 11.81
C LYS B 187 -3.46 -18.59 10.31
N GLN B 188 -4.57 -18.48 9.57
CA GLN B 188 -4.54 -18.56 8.07
C GLN B 188 -3.64 -17.44 7.50
N ALA B 189 -3.82 -16.20 7.95
CA ALA B 189 -3.03 -15.04 7.44
C ALA B 189 -1.53 -15.18 7.79
N MET B 190 -1.19 -15.91 8.87
CA MET B 190 0.24 -16.13 9.28
C MET B 190 0.92 -17.20 8.41
N LEU B 191 0.19 -17.91 7.55
CA LEU B 191 0.80 -19.03 6.80
C LEU B 191 1.99 -18.51 5.97
N THR B 192 3.15 -19.15 6.10
CA THR B 192 4.43 -18.66 5.48
C THR B 192 5.02 -19.71 4.54
N GLU B 193 5.05 -20.96 4.96
CA GLU B 193 5.68 -22.07 4.20
C GLU B 193 4.96 -23.39 4.56
N ALA B 194 4.82 -24.30 3.59
CA ALA B 194 4.31 -25.67 3.82
C ALA B 194 4.79 -26.62 2.72
N ASN B 195 5.11 -27.86 3.12
CA ASN B 195 5.51 -29.00 2.27
C ASN B 195 5.14 -30.31 3.00
N GLY B 196 5.58 -31.47 2.50
CA GLY B 196 5.36 -32.80 3.14
C GLY B 196 6.09 -33.02 4.46
N ASP B 197 7.03 -32.15 4.87
CA ASP B 197 7.78 -32.28 6.16
C ASP B 197 7.24 -31.38 7.29
N TYR B 198 6.82 -30.14 6.99
CA TYR B 198 6.45 -29.15 8.03
C TYR B 198 5.56 -28.03 7.44
N ILE B 199 4.85 -27.32 8.33
CA ILE B 199 4.12 -26.04 8.07
C ILE B 199 4.70 -24.96 8.99
N ILE B 200 5.08 -23.77 8.48
CA ILE B 200 5.47 -22.60 9.32
C ILE B 200 4.40 -21.50 9.23
N ARG B 201 3.78 -21.15 10.37
CA ARG B 201 2.94 -19.94 10.60
C ARG B 201 3.76 -18.92 11.44
N ALA B 202 3.89 -17.68 10.98
CA ALA B 202 4.87 -16.71 11.55
C ALA B 202 4.69 -15.27 11.02
N LYS B 203 5.41 -14.32 11.65
CA LYS B 203 5.45 -12.89 11.24
C LYS B 203 6.86 -12.32 11.45
N THR B 204 7.40 -11.64 10.44
CA THR B 204 8.60 -10.76 10.53
C THR B 204 8.35 -9.41 11.22
N GLY B 205 9.44 -8.80 11.72
CA GLY B 205 9.43 -7.40 12.24
C GLY B 205 10.80 -6.74 12.08
N TYR B 206 10.81 -5.39 11.98
CA TYR B 206 12.06 -4.57 11.92
C TYR B 206 11.82 -3.27 12.70
N SER B 207 12.44 -3.12 13.88
CA SER B 207 12.36 -1.91 14.75
C SER B 207 13.58 -1.00 14.47
N THR B 208 13.37 0.20 13.93
CA THR B 208 14.43 1.20 13.62
C THR B 208 14.28 2.53 14.40
N ARG B 209 13.10 2.85 14.95
CA ARG B 209 12.84 4.23 15.42
C ARG B 209 13.46 4.46 16.80
N ILE B 210 13.75 3.44 17.60
CA ILE B 210 14.39 3.55 18.95
C ILE B 210 15.60 2.61 18.94
N GLU B 211 16.72 2.95 19.58
CA GLU B 211 17.90 2.04 19.73
C GLU B 211 17.59 0.96 20.77
N PRO B 212 18.11 -0.28 20.60
CA PRO B 212 18.92 -0.67 19.44
C PRO B 212 18.03 -1.13 18.28
N LYS B 213 18.52 -1.03 17.06
CA LYS B 213 17.75 -1.46 15.86
C LYS B 213 17.80 -2.99 15.78
N ILE B 214 16.67 -3.68 15.71
CA ILE B 214 16.66 -5.17 15.75
C ILE B 214 15.67 -5.72 14.69
N GLY B 215 15.91 -6.94 14.23
CA GLY B 215 14.94 -7.76 13.45
C GLY B 215 14.29 -8.83 14.31
N TRP B 216 13.00 -9.17 14.03
CA TRP B 216 12.17 -10.18 14.74
C TRP B 216 11.76 -11.27 13.73
N TRP B 217 11.65 -12.51 14.16
CA TRP B 217 10.82 -13.58 13.50
C TRP B 217 10.17 -14.42 14.60
N VAL B 218 8.84 -14.43 14.66
CA VAL B 218 8.09 -15.17 15.72
C VAL B 218 7.03 -16.06 15.07
N GLY B 219 6.82 -17.27 15.59
CA GLY B 219 5.78 -18.18 15.05
C GLY B 219 5.93 -19.57 15.60
N TRP B 220 5.55 -20.56 14.80
CA TRP B 220 5.69 -21.99 15.13
C TRP B 220 5.88 -22.88 13.89
N VAL B 221 6.35 -24.09 14.16
CA VAL B 221 6.58 -25.16 13.16
C VAL B 221 5.66 -26.33 13.55
N GLU B 222 4.74 -26.70 12.66
CA GLU B 222 3.76 -27.81 12.84
C GLU B 222 4.37 -29.06 12.21
N LEU B 223 4.60 -30.11 13.00
CA LEU B 223 4.97 -31.47 12.50
C LEU B 223 3.76 -32.44 12.62
N ASP B 224 3.87 -33.63 12.07
CA ASP B 224 2.82 -34.69 12.25
C ASP B 224 2.44 -34.86 13.73
N ASP B 225 3.38 -34.98 14.66
CA ASP B 225 3.06 -35.39 16.07
C ASP B 225 3.58 -34.42 17.14
N ASN B 226 3.90 -33.15 16.80
CA ASN B 226 4.39 -32.14 17.79
C ASN B 226 4.32 -30.72 17.17
N VAL B 227 4.46 -29.71 18.04
CA VAL B 227 4.56 -28.28 17.66
C VAL B 227 5.77 -27.69 18.39
N TRP B 228 6.61 -26.97 17.65
CA TRP B 228 7.78 -26.19 18.15
C TRP B 228 7.52 -24.68 17.94
N PHE B 229 7.28 -23.95 19.04
CA PHE B 229 7.16 -22.47 19.04
C PHE B 229 8.57 -21.88 18.96
N PHE B 230 8.73 -20.74 18.26
CA PHE B 230 10.02 -20.01 18.21
C PHE B 230 9.80 -18.49 18.31
N ALA B 231 10.78 -17.78 18.87
CA ALA B 231 10.87 -16.31 18.79
C ALA B 231 12.34 -15.92 18.81
N MET B 232 12.76 -15.14 17.81
CA MET B 232 14.16 -14.68 17.65
C MET B 232 14.20 -13.16 17.45
N ASN B 233 15.26 -12.52 17.95
CA ASN B 233 15.59 -11.12 17.57
C ASN B 233 17.11 -11.02 17.46
N MET B 234 17.57 -10.11 16.59
CA MET B 234 19.00 -9.94 16.27
C MET B 234 19.26 -8.46 16.00
N ASP B 235 20.51 -8.02 16.25
CA ASP B 235 20.96 -6.64 15.96
C ASP B 235 20.91 -6.44 14.43
N MET B 236 20.35 -5.32 13.99
CA MET B 236 20.09 -5.11 12.54
C MET B 236 20.45 -3.67 12.20
N PRO B 237 21.77 -3.34 12.15
CA PRO B 237 22.22 -1.97 11.85
C PRO B 237 21.76 -1.45 10.48
N THR B 238 21.61 -2.28 9.44
CA THR B 238 21.05 -1.87 8.12
C THR B 238 20.10 -2.93 7.56
N SER B 239 19.36 -2.58 6.51
CA SER B 239 18.29 -3.42 5.90
C SER B 239 18.92 -4.60 5.15
N ASP B 240 20.18 -4.46 4.73
CA ASP B 240 21.00 -5.48 4.02
C ASP B 240 20.90 -6.87 4.67
N GLY B 241 20.81 -6.95 5.99
CA GLY B 241 20.89 -8.22 6.73
C GLY B 241 19.54 -8.87 7.03
N LEU B 242 18.41 -8.34 6.55
CA LEU B 242 17.07 -8.81 6.97
C LEU B 242 16.87 -10.32 6.67
N GLY B 243 17.44 -10.84 5.58
CA GLY B 243 17.36 -12.26 5.16
C GLY B 243 17.95 -13.21 6.21
N LEU B 244 18.85 -12.70 7.05
CA LEU B 244 19.46 -13.51 8.14
C LEU B 244 18.43 -13.90 9.20
N ARG B 245 17.30 -13.18 9.36
CA ARG B 245 16.27 -13.54 10.37
C ARG B 245 15.81 -15.00 10.17
N GLN B 246 15.44 -15.35 8.94
CA GLN B 246 14.93 -16.72 8.58
C GLN B 246 16.10 -17.70 8.45
N ALA B 247 17.22 -17.30 7.82
CA ALA B 247 18.37 -18.18 7.52
C ALA B 247 18.95 -18.73 8.83
N ILE B 248 19.15 -17.86 9.81
CA ILE B 248 19.76 -18.23 11.12
C ILE B 248 18.79 -19.13 11.88
N THR B 249 17.51 -18.76 11.98
CA THR B 249 16.49 -19.60 12.66
C THR B 249 16.43 -21.00 12.01
N LYS B 250 16.46 -21.11 10.69
CA LYS B 250 16.42 -22.44 10.02
C LYS B 250 17.70 -23.25 10.31
N GLU B 251 18.88 -22.61 10.37
CA GLU B 251 20.13 -23.30 10.77
C GLU B 251 19.94 -23.93 12.16
N VAL B 252 19.29 -23.24 13.10
CA VAL B 252 19.08 -23.78 14.48
C VAL B 252 18.08 -24.95 14.42
N LEU B 253 17.00 -24.84 13.65
CA LEU B 253 15.96 -25.91 13.49
C LEU B 253 16.63 -27.16 12.89
N LYS B 254 17.51 -27.01 11.90
CA LYS B 254 18.24 -28.15 11.28
C LYS B 254 19.16 -28.84 12.31
N GLN B 255 20.02 -28.09 13.00
CA GLN B 255 20.96 -28.64 14.02
C GLN B 255 20.18 -29.46 15.06
N GLU B 256 19.01 -28.99 15.52
CA GLU B 256 18.17 -29.77 16.47
C GLU B 256 17.35 -30.85 15.74
N LYS B 257 17.51 -31.06 14.42
CA LYS B 257 16.76 -32.09 13.64
C LYS B 257 15.23 -31.92 13.80
N ILE B 258 14.74 -30.68 13.75
CA ILE B 258 13.29 -30.33 13.76
C ILE B 258 12.81 -30.27 12.31
N ILE B 259 13.64 -29.75 11.41
CA ILE B 259 13.37 -29.79 9.95
C ILE B 259 14.56 -30.47 9.28
N PRO B 260 14.37 -31.10 8.10
CA PRO B 260 15.48 -31.73 7.38
C PRO B 260 16.47 -30.69 6.85
N GLU C 19 3.18 38.42 -12.40
CA GLU C 19 2.16 38.97 -11.46
C GLU C 19 1.00 37.98 -11.36
N TRP C 20 0.63 37.72 -10.11
CA TRP C 20 -0.69 37.20 -9.69
C TRP C 20 -1.37 38.25 -8.81
N GLN C 21 -2.65 38.52 -9.04
CA GLN C 21 -3.45 39.48 -8.22
C GLN C 21 -4.70 38.77 -7.70
N GLU C 22 -4.98 38.94 -6.40
CA GLU C 22 -6.10 38.30 -5.66
C GLU C 22 -7.28 39.28 -5.72
N ASN C 23 -8.49 38.79 -6.07
CA ASN C 23 -9.74 39.58 -6.20
C ASN C 23 -10.85 38.85 -5.43
N LYS C 24 -11.04 39.19 -4.16
CA LYS C 24 -11.91 38.43 -3.22
C LYS C 24 -13.39 38.67 -3.58
N SER C 25 -13.70 39.70 -4.38
CA SER C 25 -15.09 39.99 -4.81
C SER C 25 -15.67 38.79 -5.60
N TRP C 26 -14.85 37.92 -6.21
CA TRP C 26 -15.37 36.72 -6.93
C TRP C 26 -15.94 35.70 -5.94
N ASN C 27 -15.54 35.75 -4.65
CA ASN C 27 -16.04 34.84 -3.58
C ASN C 27 -17.57 34.92 -3.49
N ALA C 28 -18.17 36.07 -3.80
CA ALA C 28 -19.63 36.25 -3.89
C ALA C 28 -20.25 35.15 -4.76
N HIS C 29 -19.68 34.86 -5.94
CA HIS C 29 -20.28 33.91 -6.91
C HIS C 29 -20.33 32.49 -6.33
N PHE C 30 -19.39 32.15 -5.44
CA PHE C 30 -19.36 30.84 -4.72
C PHE C 30 -20.39 30.86 -3.56
N THR C 31 -20.37 31.91 -2.72
CA THR C 31 -21.33 32.09 -1.58
C THR C 31 -22.79 31.97 -2.05
N GLU C 32 -23.15 32.65 -3.14
CA GLU C 32 -24.50 32.58 -3.75
C GLU C 32 -25.02 31.14 -3.77
N HIS C 33 -24.16 30.13 -3.94
CA HIS C 33 -24.59 28.71 -4.07
C HIS C 33 -24.17 27.86 -2.86
N LYS C 34 -23.75 28.50 -1.77
CA LYS C 34 -23.21 27.81 -0.56
C LYS C 34 -22.11 26.82 -0.98
N SER C 35 -21.15 27.29 -1.77
CA SER C 35 -20.09 26.45 -2.38
C SER C 35 -18.72 27.10 -2.13
N GLN C 36 -17.65 26.33 -2.28
CA GLN C 36 -16.25 26.79 -2.11
C GLN C 36 -15.35 26.28 -3.25
N GLY C 37 -14.44 27.12 -3.70
CA GLY C 37 -13.48 26.77 -4.76
C GLY C 37 -12.68 27.96 -5.22
N VAL C 38 -12.03 27.80 -6.39
CA VAL C 38 -11.09 28.79 -6.95
C VAL C 38 -11.36 28.93 -8.46
N VAL C 39 -11.21 30.14 -8.96
CA VAL C 39 -11.15 30.45 -10.42
C VAL C 39 -9.83 31.17 -10.68
N VAL C 40 -9.07 30.70 -11.66
CA VAL C 40 -7.82 31.35 -12.11
C VAL C 40 -7.98 31.80 -13.57
N LEU C 41 -7.65 33.06 -13.89
CA LEU C 41 -7.64 33.66 -15.27
C LEU C 41 -6.22 34.10 -15.59
N TRP C 42 -5.82 33.95 -16.86
CA TRP C 42 -4.54 34.48 -17.40
C TRP C 42 -4.82 35.26 -18.67
N ASN C 43 -4.42 36.53 -18.68
CA ASN C 43 -4.52 37.46 -19.84
C ASN C 43 -3.25 37.31 -20.68
N GLU C 44 -3.37 36.71 -21.87
CA GLU C 44 -2.19 36.35 -22.70
C GLU C 44 -1.49 37.62 -23.21
N ASN C 45 -2.23 38.62 -23.70
CA ASN C 45 -1.61 39.87 -24.23
C ASN C 45 -0.79 40.55 -23.12
N LYS C 46 -1.35 40.76 -21.92
CA LYS C 46 -0.71 41.54 -20.81
C LYS C 46 0.19 40.67 -19.96
N GLN C 47 0.04 39.33 -20.04
CA GLN C 47 0.89 38.35 -19.30
C GLN C 47 0.70 38.54 -17.79
N GLN C 48 -0.56 38.60 -17.35
CA GLN C 48 -0.94 38.80 -15.93
C GLN C 48 -2.06 37.83 -15.59
N GLY C 49 -2.01 37.33 -14.35
CA GLY C 49 -2.92 36.36 -13.73
C GLY C 49 -3.78 36.99 -12.62
N PHE C 50 -4.95 36.41 -12.41
CA PHE C 50 -5.99 36.86 -11.44
C PHE C 50 -6.67 35.65 -10.81
N THR C 51 -6.95 35.70 -9.51
CA THR C 51 -7.66 34.62 -8.78
C THR C 51 -8.35 35.17 -7.52
N ASN C 52 -9.37 34.46 -7.05
CA ASN C 52 -10.05 34.75 -5.76
C ASN C 52 -9.27 34.17 -4.56
N ASN C 53 -8.30 33.26 -4.78
CA ASN C 53 -7.62 32.50 -3.68
C ASN C 53 -6.26 31.98 -4.16
N LEU C 54 -5.20 32.75 -3.90
CA LEU C 54 -3.81 32.44 -4.32
C LEU C 54 -3.38 31.08 -3.76
N LYS C 55 -3.80 30.70 -2.54
CA LYS C 55 -3.35 29.41 -1.94
C LYS C 55 -3.99 28.23 -2.69
N ARG C 56 -5.30 28.24 -2.86
CA ARG C 56 -6.00 27.11 -3.51
C ARG C 56 -5.62 27.06 -5.02
N ALA C 57 -5.25 28.19 -5.63
CA ALA C 57 -4.78 28.32 -7.03
C ALA C 57 -3.53 27.44 -7.22
N ASN C 58 -2.74 27.21 -6.16
CA ASN C 58 -1.48 26.41 -6.20
C ASN C 58 -1.66 25.06 -5.48
N GLN C 59 -2.86 24.67 -5.06
CA GLN C 59 -3.06 23.33 -4.42
C GLN C 59 -3.24 22.22 -5.49
N ALA C 60 -2.47 21.12 -5.40
CA ALA C 60 -2.45 20.04 -6.42
C ALA C 60 -3.45 18.93 -6.05
N PHE C 61 -4.34 18.59 -7.01
CA PHE C 61 -5.42 17.57 -6.89
C PHE C 61 -5.28 16.51 -8.01
N LEU C 62 -5.96 15.37 -7.90
CA LEU C 62 -6.07 14.41 -9.03
C LEU C 62 -6.78 15.13 -10.19
N PRO C 63 -6.33 14.95 -11.44
CA PRO C 63 -6.93 15.68 -12.56
C PRO C 63 -8.29 15.12 -13.07
N ALA C 64 -8.55 13.85 -12.75
CA ALA C 64 -9.64 12.99 -13.32
C ALA C 64 -9.78 13.27 -14.83
N SER C 65 -10.99 13.50 -15.34
CA SER C 65 -11.20 13.57 -16.82
C SER C 65 -10.44 14.75 -17.48
N THR C 66 -9.86 15.74 -16.76
CA THR C 66 -8.98 16.77 -17.42
C THR C 66 -7.73 16.05 -18.02
N PHE C 67 -7.40 14.85 -17.54
CA PHE C 67 -6.25 14.04 -18.05
C PHE C 67 -6.51 13.56 -19.48
N ILE C 69 -6.96 15.37 -21.98
CA ILE C 69 -6.21 16.23 -22.92
C ILE C 69 -4.81 15.61 -23.15
N PRO C 70 -3.91 15.45 -22.15
CA PRO C 70 -2.60 14.82 -22.41
C PRO C 70 -2.70 13.36 -22.96
N ASN C 71 -3.62 12.56 -22.45
CA ASN C 71 -3.86 11.16 -22.94
C ASN C 71 -4.14 11.14 -24.46
N SER C 72 -5.05 12.02 -24.94
CA SER C 72 -5.37 12.15 -26.39
C SER C 72 -4.10 12.48 -27.19
N LEU C 73 -3.30 13.46 -26.73
CA LEU C 73 -2.10 13.95 -27.46
C LEU C 73 -1.12 12.78 -27.68
N ILE C 74 -0.86 12.05 -26.61
CA ILE C 74 0.09 10.91 -26.61
C ILE C 74 -0.46 9.78 -27.52
N ALA C 75 -1.74 9.44 -27.41
CA ALA C 75 -2.31 8.34 -28.22
C ALA C 75 -2.22 8.68 -29.73
N LEU C 76 -2.49 9.93 -30.11
CA LEU C 76 -2.33 10.37 -31.52
C LEU C 76 -0.86 10.33 -31.94
N ASP C 77 0.06 10.84 -31.13
CA ASP C 77 1.47 10.99 -31.57
C ASP C 77 2.13 9.61 -31.77
N LEU C 78 1.70 8.60 -31.00
CA LEU C 78 2.26 7.23 -31.09
C LEU C 78 1.52 6.39 -32.15
N GLY C 79 0.37 6.85 -32.69
CA GLY C 79 -0.41 6.11 -33.70
C GLY C 79 -1.41 5.11 -33.08
N VAL C 80 -1.65 5.13 -31.79
CA VAL C 80 -2.72 4.34 -31.11
C VAL C 80 -4.07 4.83 -31.65
N VAL C 81 -4.20 6.13 -31.90
CA VAL C 81 -5.39 6.74 -32.58
C VAL C 81 -4.89 7.31 -33.90
N LYS C 82 -5.47 6.89 -35.02
CA LYS C 82 -4.99 7.26 -36.38
C LYS C 82 -5.48 8.67 -36.75
N ASP C 83 -6.75 9.00 -36.46
CA ASP C 83 -7.37 10.34 -36.73
C ASP C 83 -8.66 10.44 -35.94
N GLU C 84 -9.34 11.58 -36.05
CA GLU C 84 -10.55 11.90 -35.27
C GLU C 84 -11.80 11.17 -35.78
N HIS C 85 -11.73 10.36 -36.86
CA HIS C 85 -12.89 9.56 -37.39
C HIS C 85 -12.80 8.07 -37.05
N GLN C 86 -11.63 7.56 -36.64
CA GLN C 86 -11.45 6.14 -36.23
C GLN C 86 -12.54 5.79 -35.20
N VAL C 87 -13.28 4.70 -35.43
CA VAL C 87 -14.38 4.19 -34.54
C VAL C 87 -13.80 3.20 -33.51
N PHE C 88 -14.08 3.43 -32.22
CA PHE C 88 -13.79 2.53 -31.07
C PHE C 88 -15.12 1.86 -30.68
N LYS C 89 -15.28 0.58 -31.06
CA LYS C 89 -16.56 -0.16 -30.90
C LYS C 89 -16.81 -0.43 -29.42
N TRP C 90 -18.05 -0.27 -28.96
CA TRP C 90 -18.50 -0.68 -27.59
C TRP C 90 -18.08 -2.13 -27.32
N ASP C 91 -17.56 -2.44 -26.12
CA ASP C 91 -17.05 -3.80 -25.78
C ASP C 91 -18.20 -4.72 -25.35
N GLY C 92 -19.44 -4.19 -25.17
CA GLY C 92 -20.64 -5.00 -24.88
C GLY C 92 -21.02 -5.03 -23.41
N GLN C 93 -20.22 -4.42 -22.52
CA GLN C 93 -20.54 -4.34 -21.06
C GLN C 93 -21.45 -3.14 -20.80
N THR C 94 -22.65 -3.38 -20.25
CA THR C 94 -23.62 -2.32 -19.85
C THR C 94 -23.06 -1.61 -18.62
N ARG C 95 -22.63 -0.36 -18.75
CA ARG C 95 -22.16 0.46 -17.61
C ARG C 95 -23.28 1.44 -17.22
N ASP C 96 -23.13 2.12 -16.08
CA ASP C 96 -24.23 2.90 -15.45
C ASP C 96 -24.43 4.23 -16.16
N ILE C 97 -23.51 4.64 -17.03
CA ILE C 97 -23.63 5.90 -17.84
C ILE C 97 -24.10 5.54 -19.24
N ALA C 98 -25.34 5.90 -19.61
CA ALA C 98 -26.00 5.41 -20.86
C ALA C 98 -25.15 5.75 -22.09
N THR C 99 -24.53 6.94 -22.15
CA THR C 99 -23.81 7.43 -23.37
C THR C 99 -22.51 6.63 -23.61
N TRP C 100 -22.03 5.87 -22.62
CA TRP C 100 -20.82 5.02 -22.74
C TRP C 100 -21.14 3.70 -23.45
N ASN C 101 -22.42 3.30 -23.49
CA ASN C 101 -22.85 1.97 -24.02
C ASN C 101 -23.10 2.06 -25.53
N ARG C 102 -22.13 2.59 -26.28
CA ARG C 102 -22.22 2.79 -27.76
C ARG C 102 -20.81 2.97 -28.36
N ASP C 103 -20.74 2.91 -29.69
CA ASP C 103 -19.52 3.20 -30.51
C ASP C 103 -19.18 4.69 -30.38
N HIS C 104 -17.89 5.05 -30.39
CA HIS C 104 -17.40 6.45 -30.22
C HIS C 104 -16.29 6.70 -31.24
N ASN C 105 -15.99 7.99 -31.48
CA ASN C 105 -14.68 8.40 -32.04
C ASN C 105 -14.02 9.35 -31.02
N LEU C 106 -12.94 10.04 -31.40
CA LEU C 106 -12.21 10.93 -30.47
C LEU C 106 -13.09 12.11 -30.08
N ILE C 107 -13.80 12.67 -31.04
CA ILE C 107 -14.64 13.86 -30.78
C ILE C 107 -15.72 13.47 -29.77
N THR C 108 -16.45 12.36 -30.00
CA THR C 108 -17.58 11.99 -29.08
C THR C 108 -17.01 11.43 -27.77
N ALA C 109 -15.90 10.71 -27.79
CA ALA C 109 -15.31 10.16 -26.53
C ALA C 109 -14.90 11.29 -25.56
N MET C 110 -14.44 12.45 -26.05
N MET C 110 -14.42 12.44 -26.06
CA MET C 110 -14.09 13.60 -25.18
CA MET C 110 -14.09 13.64 -25.24
C MET C 110 -15.38 14.31 -24.70
C MET C 110 -15.39 14.27 -24.71
N LYS C 111 -16.36 14.49 -25.60
CA LYS C 111 -17.66 15.18 -25.32
C LYS C 111 -18.41 14.48 -24.15
N TYR C 112 -18.51 13.15 -24.18
CA TYR C 112 -19.24 12.33 -23.16
C TYR C 112 -18.28 11.75 -22.08
N SER C 113 -17.02 12.19 -22.01
N SER C 113 -17.00 12.12 -22.11
CA SER C 113 -15.99 11.74 -21.04
CA SER C 113 -15.98 11.73 -21.09
C SER C 113 -15.99 10.20 -20.88
C SER C 113 -15.98 10.22 -20.89
N VAL C 114 -15.70 9.47 -21.95
CA VAL C 114 -15.92 7.98 -21.99
C VAL C 114 -14.66 7.25 -21.47
N VAL C 115 -14.61 7.00 -20.15
CA VAL C 115 -13.43 6.45 -19.42
C VAL C 115 -12.94 5.16 -20.07
N PRO C 116 -13.81 4.14 -20.34
CA PRO C 116 -13.34 2.88 -20.92
C PRO C 116 -12.54 3.00 -22.21
N VAL C 117 -12.87 3.95 -23.09
CA VAL C 117 -12.07 4.22 -24.33
C VAL C 117 -10.65 4.68 -23.93
N TYR C 118 -10.55 5.58 -22.96
CA TYR C 118 -9.25 6.18 -22.52
C TYR C 118 -8.41 5.12 -21.76
N GLN C 119 -9.08 4.18 -21.06
CA GLN C 119 -8.37 3.06 -20.35
C GLN C 119 -7.68 2.17 -21.39
N GLU C 120 -8.34 1.93 -22.53
CA GLU C 120 -7.77 1.06 -23.60
C GLU C 120 -6.58 1.79 -24.25
N PHE C 121 -6.64 3.11 -24.48
CA PHE C 121 -5.49 3.89 -25.02
C PHE C 121 -4.29 3.73 -24.07
N ALA C 122 -4.49 3.96 -22.78
CA ALA C 122 -3.41 3.92 -21.77
C ALA C 122 -2.70 2.55 -21.75
N ARG C 123 -3.48 1.45 -21.80
CA ARG C 123 -2.95 0.05 -21.86
C ARG C 123 -2.06 -0.11 -23.08
N GLN C 124 -2.43 0.43 -24.26
CA GLN C 124 -1.60 0.35 -25.51
C GLN C 124 -0.40 1.31 -25.47
N ILE C 125 -0.53 2.50 -24.87
CA ILE C 125 0.64 3.40 -24.64
C ILE C 125 1.67 2.68 -23.74
N GLY C 126 1.22 2.15 -22.60
CA GLY C 126 2.06 1.46 -21.61
C GLY C 126 2.78 2.40 -20.64
N GLU C 127 3.22 1.86 -19.50
CA GLU C 127 3.88 2.61 -18.39
C GLU C 127 5.09 3.40 -18.89
N ALA C 128 6.04 2.78 -19.59
CA ALA C 128 7.33 3.43 -19.95
C ALA C 128 7.10 4.71 -20.79
N ARG C 129 6.32 4.61 -21.87
CA ARG C 129 6.07 5.74 -22.80
C ARG C 129 5.19 6.81 -22.11
N MET C 130 4.22 6.41 -21.28
CA MET C 130 3.35 7.38 -20.55
C MET C 130 4.24 8.26 -19.65
N SER C 131 5.13 7.65 -18.85
CA SER C 131 6.05 8.34 -17.91
C SER C 131 6.97 9.32 -18.66
N LYS C 132 7.60 8.88 -19.76
CA LYS C 132 8.52 9.72 -20.56
C LYS C 132 7.76 10.91 -21.18
N MET C 133 6.53 10.71 -21.65
CA MET C 133 5.74 11.82 -22.27
C MET C 133 5.34 12.86 -21.21
N LEU C 134 4.95 12.43 -20.00
CA LEU C 134 4.51 13.40 -18.96
C LEU C 134 5.70 14.19 -18.43
N HIS C 135 6.91 13.61 -18.39
CA HIS C 135 8.15 14.35 -18.07
C HIS C 135 8.43 15.43 -19.14
N ALA C 136 8.32 15.10 -20.44
CA ALA C 136 8.51 16.05 -21.57
C ALA C 136 7.46 17.19 -21.57
N PHE C 137 6.22 16.92 -21.18
CA PHE C 137 5.12 17.94 -21.01
C PHE C 137 5.31 18.82 -19.76
N ASP C 138 6.15 18.42 -18.79
CA ASP C 138 6.36 19.14 -17.51
C ASP C 138 5.01 19.11 -16.74
N TYR C 139 4.25 17.99 -16.79
CA TYR C 139 2.84 17.91 -16.32
C TYR C 139 2.75 17.57 -14.81
N GLY C 140 2.22 18.53 -14.04
CA GLY C 140 2.00 18.40 -12.60
C GLY C 140 3.19 17.79 -11.89
N ASN C 141 2.95 16.75 -11.09
CA ASN C 141 4.02 16.11 -10.28
C ASN C 141 4.68 14.97 -11.08
N GLU C 142 4.23 14.72 -12.32
CA GLU C 142 4.84 13.72 -13.25
C GLU C 142 4.83 12.30 -12.64
N ASP C 143 3.98 11.95 -11.69
CA ASP C 143 4.03 10.65 -10.97
C ASP C 143 2.88 9.76 -11.46
N ILE C 144 3.14 8.65 -12.16
CA ILE C 144 2.06 7.74 -12.67
C ILE C 144 1.84 6.50 -11.76
N SER C 145 2.31 6.50 -10.50
CA SER C 145 2.17 5.31 -9.62
C SER C 145 0.72 4.87 -9.57
N GLY C 146 0.49 3.55 -9.65
CA GLY C 146 -0.83 2.91 -9.62
C GLY C 146 -1.09 2.10 -10.89
N ASN C 147 -2.35 1.75 -11.17
CA ASN C 147 -2.73 1.04 -12.42
C ASN C 147 -2.44 1.92 -13.64
N VAL C 148 -1.83 1.39 -14.69
CA VAL C 148 -1.52 2.15 -15.92
C VAL C 148 -2.83 2.73 -16.49
N ASP C 149 -3.98 2.12 -16.20
CA ASP C 149 -5.28 2.51 -16.82
C ASP C 149 -6.21 3.13 -15.77
N SER C 150 -5.69 3.61 -14.62
CA SER C 150 -6.53 4.36 -13.63
C SER C 150 -5.76 5.37 -12.76
N PHE C 151 -4.47 5.60 -12.97
CA PHE C 151 -3.65 6.50 -12.08
C PHE C 151 -4.19 7.95 -12.01
N TRP C 152 -4.91 8.43 -13.05
CA TRP C 152 -5.44 9.81 -13.11
C TRP C 152 -6.77 9.89 -12.36
N LEU C 153 -7.35 8.75 -11.96
CA LEU C 153 -8.60 8.64 -11.12
C LEU C 153 -8.28 8.24 -9.66
N ASP C 154 -7.30 7.39 -9.42
CA ASP C 154 -7.06 6.91 -8.02
C ASP C 154 -5.60 6.54 -7.73
N GLY C 155 -4.67 7.05 -8.52
CA GLY C 155 -3.22 6.92 -8.29
C GLY C 155 -2.56 8.18 -7.73
N GLY C 156 -1.27 8.31 -8.02
CA GLY C 156 -0.38 9.29 -7.35
C GLY C 156 -0.19 10.60 -8.13
N ILE C 157 -0.80 10.77 -9.30
CA ILE C 157 -0.61 12.02 -10.11
C ILE C 157 -1.39 13.19 -9.51
N ARG C 158 -0.79 14.38 -9.46
CA ARG C 158 -1.41 15.60 -8.86
C ARG C 158 -1.03 16.84 -9.72
N ILE C 159 -1.99 17.78 -9.88
CA ILE C 159 -1.83 19.03 -10.68
C ILE C 159 -2.65 20.16 -10.05
N SER C 160 -2.08 21.37 -9.97
CA SER C 160 -2.76 22.61 -9.50
C SER C 160 -3.40 23.35 -10.67
N ALA C 161 -4.34 24.26 -10.39
CA ALA C 161 -4.98 25.15 -11.40
C ALA C 161 -3.94 25.98 -12.16
N THR C 162 -2.91 26.53 -11.49
CA THR C 162 -1.84 27.29 -12.19
C THR C 162 -0.99 26.37 -13.10
N GLU C 163 -0.71 25.13 -12.70
CA GLU C 163 0.05 24.18 -13.57
C GLU C 163 -0.85 23.77 -14.78
N GLN C 164 -2.18 23.71 -14.64
CA GLN C 164 -3.13 23.44 -15.78
C GLN C 164 -2.98 24.57 -16.82
N ILE C 165 -2.98 25.83 -16.37
CA ILE C 165 -2.75 26.98 -17.28
C ILE C 165 -1.39 26.88 -18.04
N SER C 166 -0.28 26.65 -17.35
CA SER C 166 1.07 26.48 -17.98
C SER C 166 1.00 25.45 -19.11
N PHE C 167 0.42 24.28 -18.84
CA PHE C 167 0.26 23.17 -19.83
C PHE C 167 -0.55 23.63 -21.04
N LEU C 168 -1.72 24.24 -20.79
CA LEU C 168 -2.67 24.71 -21.85
C LEU C 168 -2.06 25.83 -22.72
N ARG C 169 -1.26 26.73 -22.15
CA ARG C 169 -0.56 27.80 -22.94
C ARG C 169 0.38 27.14 -23.97
N LYS C 170 1.07 26.10 -23.59
CA LYS C 170 2.00 25.40 -24.53
C LYS C 170 1.17 24.75 -25.64
N LEU C 171 0.02 24.13 -25.32
CA LEU C 171 -0.88 23.48 -26.32
C LEU C 171 -1.37 24.54 -27.31
N TYR C 172 -1.86 25.68 -26.80
CA TYR C 172 -2.38 26.81 -27.62
C TYR C 172 -1.31 27.23 -28.66
N HIS C 173 -0.04 27.35 -28.25
CA HIS C 173 1.07 27.88 -29.11
C HIS C 173 1.77 26.74 -29.90
N ASN C 174 1.28 25.49 -29.88
CA ASN C 174 1.90 24.32 -30.55
C ASN C 174 3.32 24.11 -30.02
N LYS C 175 3.60 24.35 -28.73
CA LYS C 175 4.98 24.20 -28.18
C LYS C 175 5.18 22.89 -27.41
N LEU C 176 4.21 21.98 -27.32
CA LEU C 176 4.48 20.66 -26.69
C LEU C 176 5.37 19.82 -27.64
N HIS C 177 6.13 18.86 -27.12
CA HIS C 177 7.14 18.11 -27.93
C HIS C 177 6.49 17.24 -29.04
N VAL C 178 5.18 16.98 -29.02
CA VAL C 178 4.47 16.10 -30.00
C VAL C 178 4.28 16.88 -31.31
N SER C 179 3.78 16.26 -32.39
CA SER C 179 3.65 16.93 -33.72
C SER C 179 2.62 18.09 -33.68
N GLU C 180 2.76 19.07 -34.59
CA GLU C 180 1.73 20.11 -34.83
C GLU C 180 0.36 19.44 -35.04
N ARG C 181 0.33 18.39 -35.85
CA ARG C 181 -0.92 17.65 -36.24
C ARG C 181 -1.62 17.12 -34.98
N SER C 182 -0.93 16.45 -34.05
CA SER C 182 -1.54 15.92 -32.80
C SER C 182 -2.15 17.07 -32.01
N GLN C 183 -1.46 18.22 -31.90
CA GLN C 183 -1.92 19.41 -31.15
C GLN C 183 -3.19 20.01 -31.80
N ARG C 184 -3.25 20.12 -33.13
CA ARG C 184 -4.41 20.66 -33.88
C ARG C 184 -5.62 19.75 -33.70
N ILE C 185 -5.46 18.43 -33.77
CA ILE C 185 -6.62 17.49 -33.62
C ILE C 185 -7.19 17.60 -32.20
N VAL C 186 -6.33 17.64 -31.17
CA VAL C 186 -6.85 17.68 -29.76
C VAL C 186 -7.59 19.01 -29.53
N LYS C 187 -7.10 20.12 -30.08
CA LYS C 187 -7.76 21.45 -29.96
C LYS C 187 -9.16 21.42 -30.60
N GLN C 188 -9.30 20.73 -31.74
CA GLN C 188 -10.61 20.47 -32.40
C GLN C 188 -11.51 19.66 -31.46
N ALA C 189 -11.01 18.59 -30.82
CA ALA C 189 -11.81 17.75 -29.89
C ALA C 189 -12.24 18.54 -28.64
N MET C 190 -11.49 19.57 -28.22
CA MET C 190 -11.82 20.40 -27.03
C MET C 190 -12.95 21.44 -27.31
N LEU C 191 -13.38 21.63 -28.57
CA LEU C 191 -14.35 22.70 -28.91
C LEU C 191 -15.64 22.45 -28.11
N THR C 192 -16.08 23.45 -27.36
CA THR C 192 -17.26 23.38 -26.45
C THR C 192 -18.37 24.35 -26.89
N GLU C 193 -18.01 25.60 -27.17
CA GLU C 193 -19.00 26.64 -27.53
C GLU C 193 -18.38 27.61 -28.53
N ALA C 194 -19.18 28.10 -29.47
CA ALA C 194 -18.75 29.21 -30.36
C ALA C 194 -19.96 30.00 -30.88
N ASN C 195 -19.79 31.32 -30.98
CA ASN C 195 -20.75 32.30 -31.54
C ASN C 195 -19.97 33.53 -32.04
N GLY C 196 -20.70 34.61 -32.40
CA GLY C 196 -20.13 35.86 -32.92
C GLY C 196 -19.26 36.60 -31.91
N ASP C 197 -19.30 36.24 -30.63
CA ASP C 197 -18.61 37.00 -29.55
C ASP C 197 -17.34 36.27 -29.03
N TYR C 198 -17.34 34.93 -28.99
CA TYR C 198 -16.24 34.16 -28.38
C TYR C 198 -16.26 32.70 -28.87
N ILE C 199 -15.11 32.02 -28.68
CA ILE C 199 -14.96 30.54 -28.80
C ILE C 199 -14.38 30.03 -27.46
N ILE C 200 -14.96 28.96 -26.91
CA ILE C 200 -14.42 28.22 -25.73
C ILE C 200 -13.96 26.83 -26.16
N ARG C 201 -12.68 26.52 -25.88
CA ARG C 201 -12.08 25.15 -25.96
C ARG C 201 -11.76 24.74 -24.52
N ALA C 202 -12.28 23.60 -24.03
CA ALA C 202 -12.21 23.24 -22.59
C ALA C 202 -12.54 21.77 -22.36
N LYS C 203 -12.24 21.30 -21.13
CA LYS C 203 -12.52 19.94 -20.67
C LYS C 203 -12.98 19.97 -19.19
N THR C 204 -14.13 19.34 -18.91
CA THR C 204 -14.61 19.07 -17.53
C THR C 204 -13.91 17.90 -16.85
N GLY C 205 -13.95 17.85 -15.51
CA GLY C 205 -13.52 16.69 -14.71
C GLY C 205 -14.29 16.56 -13.39
N TYR C 206 -14.37 15.33 -12.86
CA TYR C 206 -15.03 15.06 -11.55
C TYR C 206 -14.21 13.99 -10.81
N SER C 207 -13.50 14.36 -9.74
CA SER C 207 -12.64 13.40 -8.98
C SER C 207 -13.46 12.86 -7.81
N THR C 208 -13.85 11.59 -7.86
CA THR C 208 -14.81 10.95 -6.90
C THR C 208 -14.22 9.75 -6.15
N ARG C 209 -13.05 9.23 -6.52
CA ARG C 209 -12.53 7.95 -5.99
C ARG C 209 -11.75 8.15 -4.67
N ILE C 210 -11.08 9.30 -4.51
CA ILE C 210 -10.20 9.66 -3.35
C ILE C 210 -10.63 11.04 -2.86
N GLU C 211 -10.68 11.24 -1.53
CA GLU C 211 -11.09 12.54 -0.92
C GLU C 211 -9.98 13.57 -1.12
N PRO C 212 -10.28 14.88 -1.25
CA PRO C 212 -11.66 15.40 -1.24
C PRO C 212 -12.29 15.37 -2.64
N LYS C 213 -13.60 15.16 -2.70
CA LYS C 213 -14.33 15.09 -4.00
C LYS C 213 -14.35 16.51 -4.62
N ILE C 214 -13.85 16.68 -5.85
CA ILE C 214 -13.81 18.02 -6.50
C ILE C 214 -14.28 17.93 -7.96
N GLY C 215 -14.83 19.04 -8.46
CA GLY C 215 -15.10 19.29 -9.89
C GLY C 215 -14.07 20.22 -10.53
N TRP C 216 -13.71 19.98 -11.82
CA TRP C 216 -12.79 20.86 -12.62
C TRP C 216 -13.49 21.46 -13.85
N TRP C 217 -13.03 22.63 -14.31
CA TRP C 217 -13.20 23.11 -15.73
C TRP C 217 -11.94 23.86 -16.15
N VAL C 218 -11.23 23.39 -17.19
CA VAL C 218 -9.97 24.05 -17.63
C VAL C 218 -10.03 24.30 -19.14
N GLY C 219 -9.44 25.41 -19.61
CA GLY C 219 -9.44 25.70 -21.06
C GLY C 219 -9.09 27.13 -21.38
N TRP C 220 -9.65 27.66 -22.45
CA TRP C 220 -9.46 29.09 -22.81
C TRP C 220 -10.65 29.68 -23.60
N VAL C 221 -10.70 31.01 -23.59
CA VAL C 221 -11.67 31.85 -24.36
C VAL C 221 -10.90 32.61 -25.42
N GLU C 222 -11.22 32.37 -26.69
CA GLU C 222 -10.64 33.09 -27.85
C GLU C 222 -11.54 34.29 -28.22
N LEU C 223 -10.99 35.50 -28.20
CA LEU C 223 -11.64 36.75 -28.68
C LEU C 223 -11.00 37.18 -30.02
N ASP C 224 -11.54 38.19 -30.70
CA ASP C 224 -10.91 38.76 -31.94
C ASP C 224 -9.44 39.14 -31.71
N ASP C 225 -9.07 39.76 -30.57
CA ASP C 225 -7.73 40.39 -30.37
C ASP C 225 -6.99 39.90 -29.11
N ASN C 226 -7.40 38.81 -28.44
CA ASN C 226 -6.72 38.31 -27.20
C ASN C 226 -7.18 36.87 -26.91
N VAL C 227 -6.51 36.21 -25.96
CA VAL C 227 -6.91 34.88 -25.40
C VAL C 227 -6.88 34.97 -23.86
N TRP C 228 -7.96 34.56 -23.20
CA TRP C 228 -8.04 34.37 -21.73
C TRP C 228 -8.01 32.85 -21.43
N PHE C 229 -6.98 32.36 -20.75
CA PHE C 229 -6.88 30.96 -20.23
C PHE C 229 -7.57 30.93 -18.87
N PHE C 230 -8.25 29.85 -18.54
CA PHE C 230 -8.92 29.63 -17.22
C PHE C 230 -8.71 28.20 -16.68
N ALA C 231 -8.74 28.08 -15.35
CA ALA C 231 -8.77 26.79 -14.63
C ALA C 231 -9.51 27.01 -13.31
N MET C 232 -10.55 26.23 -13.06
CA MET C 232 -11.35 26.34 -11.83
C MET C 232 -11.48 24.94 -11.22
N ASN C 233 -11.45 24.87 -9.88
CA ASN C 233 -11.95 23.66 -9.19
C ASN C 233 -12.84 24.07 -7.99
N MET C 234 -13.71 23.16 -7.53
CA MET C 234 -14.67 23.44 -6.43
C MET C 234 -15.03 22.13 -5.72
N ASP C 235 -15.41 22.23 -4.44
CA ASP C 235 -15.87 21.07 -3.63
C ASP C 235 -17.16 20.55 -4.27
N MET C 236 -17.29 19.23 -4.44
CA MET C 236 -18.43 18.59 -5.15
C MET C 236 -18.87 17.36 -4.36
N PRO C 237 -19.45 17.51 -3.15
CA PRO C 237 -19.81 16.33 -2.34
C PRO C 237 -20.83 15.40 -3.03
N THR C 238 -21.68 15.90 -3.94
CA THR C 238 -22.54 15.06 -4.83
C THR C 238 -22.60 15.63 -6.26
N SER C 239 -23.13 14.84 -7.20
CA SER C 239 -23.24 15.19 -8.64
C SER C 239 -24.31 16.25 -8.90
N ASP C 240 -25.11 16.65 -7.90
CA ASP C 240 -26.21 17.64 -8.06
C ASP C 240 -25.65 19.02 -8.45
N GLY C 241 -24.43 19.38 -8.02
CA GLY C 241 -23.84 20.71 -8.29
C GLY C 241 -22.91 20.75 -9.51
N LEU C 242 -22.94 19.77 -10.42
CA LEU C 242 -21.91 19.68 -11.51
C LEU C 242 -22.06 20.85 -12.50
N GLY C 243 -23.29 21.33 -12.75
CA GLY C 243 -23.59 22.50 -13.60
C GLY C 243 -22.98 23.78 -13.07
N LEU C 244 -22.61 23.86 -11.79
CA LEU C 244 -22.00 25.09 -11.22
C LEU C 244 -20.55 25.30 -11.71
N ARG C 245 -19.88 24.27 -12.26
CA ARG C 245 -18.47 24.43 -12.77
C ARG C 245 -18.47 25.51 -13.87
N GLN C 246 -19.38 25.40 -14.85
CA GLN C 246 -19.57 26.37 -15.97
C GLN C 246 -20.30 27.64 -15.50
N ALA C 247 -21.34 27.53 -14.67
CA ALA C 247 -22.20 28.69 -14.26
C ALA C 247 -21.36 29.71 -13.49
N ILE C 248 -20.55 29.25 -12.53
CA ILE C 248 -19.73 30.13 -11.66
C ILE C 248 -18.61 30.75 -12.50
N THR C 249 -17.98 29.98 -13.39
CA THR C 249 -16.88 30.48 -14.26
C THR C 249 -17.45 31.58 -15.19
N LYS C 250 -18.63 31.36 -15.77
CA LYS C 250 -19.25 32.35 -16.70
C LYS C 250 -19.70 33.61 -15.94
N GLU C 251 -20.06 33.51 -14.65
CA GLU C 251 -20.37 34.72 -13.83
C GLU C 251 -19.10 35.54 -13.66
N VAL C 252 -17.92 34.92 -13.51
CA VAL C 252 -16.65 35.70 -13.33
C VAL C 252 -16.27 36.37 -14.66
N LEU C 253 -16.32 35.64 -15.77
CA LEU C 253 -15.97 36.17 -17.11
C LEU C 253 -16.88 37.38 -17.44
N LYS C 254 -18.17 37.34 -17.08
CA LYS C 254 -19.11 38.50 -17.30
C LYS C 254 -18.70 39.70 -16.43
N GLN C 255 -18.37 39.49 -15.15
CA GLN C 255 -17.98 40.59 -14.22
C GLN C 255 -16.71 41.25 -14.76
N GLU C 256 -15.82 40.46 -15.39
CA GLU C 256 -14.54 41.02 -15.94
C GLU C 256 -14.74 41.57 -17.38
N LYS C 257 -15.96 41.53 -17.94
CA LYS C 257 -16.28 42.07 -19.30
C LYS C 257 -15.55 41.27 -20.41
N ILE C 258 -15.27 39.98 -20.21
CA ILE C 258 -14.53 39.14 -21.19
C ILE C 258 -15.55 38.63 -22.22
N ILE C 259 -16.71 38.19 -21.73
CA ILE C 259 -17.89 37.77 -22.54
C ILE C 259 -19.05 38.69 -22.17
N PRO C 260 -20.04 38.94 -23.08
CA PRO C 260 -21.27 39.64 -22.70
C PRO C 260 -22.15 38.75 -21.80
N GLU D 19 -18.27 -20.45 -20.54
CA GLU D 19 -17.27 -20.52 -21.64
C GLU D 19 -16.18 -21.53 -21.25
N TRP D 20 -16.01 -22.54 -22.12
CA TRP D 20 -14.91 -23.53 -22.10
C TRP D 20 -14.17 -23.44 -23.42
N GLN D 21 -12.86 -23.25 -23.40
CA GLN D 21 -12.03 -23.30 -24.62
C GLN D 21 -11.15 -24.54 -24.53
N GLU D 22 -10.94 -25.21 -25.65
CA GLU D 22 -10.09 -26.42 -25.77
C GLU D 22 -8.69 -25.94 -26.17
N ASN D 23 -7.65 -26.43 -25.49
CA ASN D 23 -6.23 -26.15 -25.80
C ASN D 23 -5.51 -27.48 -26.00
N LYS D 24 -5.41 -27.93 -27.25
CA LYS D 24 -4.85 -29.26 -27.59
C LYS D 24 -3.33 -29.30 -27.38
N SER D 25 -2.65 -28.15 -27.24
CA SER D 25 -1.18 -28.11 -27.06
C SER D 25 -0.79 -28.71 -25.69
N TRP D 26 -1.72 -28.79 -24.73
CA TRP D 26 -1.47 -29.49 -23.43
C TRP D 26 -1.26 -31.01 -23.60
N ASN D 27 -1.79 -31.63 -24.67
CA ASN D 27 -1.64 -33.08 -24.98
C ASN D 27 -0.15 -33.49 -24.98
N ALA D 28 0.75 -32.60 -25.44
CA ALA D 28 2.22 -32.81 -25.45
C ALA D 28 2.70 -33.28 -24.07
N HIS D 29 2.10 -32.77 -22.97
CA HIS D 29 2.53 -33.08 -21.58
C HIS D 29 2.15 -34.51 -21.21
N PHE D 30 1.06 -35.04 -21.77
CA PHE D 30 0.60 -36.46 -21.59
C PHE D 30 1.40 -37.41 -22.50
N THR D 31 1.57 -37.07 -23.79
CA THR D 31 2.23 -37.96 -24.78
C THR D 31 3.72 -38.09 -24.46
N GLU D 32 4.36 -37.06 -23.89
CA GLU D 32 5.71 -37.13 -23.26
C GLU D 32 5.90 -38.45 -22.50
N HIS D 33 4.89 -38.90 -21.73
CA HIS D 33 4.98 -40.09 -20.84
C HIS D 33 4.14 -41.25 -21.39
N LYS D 34 3.82 -41.25 -22.67
CA LYS D 34 2.87 -42.24 -23.27
C LYS D 34 1.65 -42.44 -22.37
N SER D 35 1.00 -41.36 -21.91
CA SER D 35 -0.20 -41.43 -21.03
C SER D 35 -1.41 -40.72 -21.66
N GLN D 36 -2.58 -40.96 -21.10
CA GLN D 36 -3.85 -40.33 -21.51
C GLN D 36 -4.56 -39.74 -20.30
N GLY D 37 -5.14 -38.56 -20.44
CA GLY D 37 -5.90 -37.91 -19.36
C GLY D 37 -6.40 -36.53 -19.73
N VAL D 38 -6.91 -35.82 -18.73
CA VAL D 38 -7.49 -34.46 -18.88
C VAL D 38 -7.01 -33.57 -17.72
N VAL D 39 -6.76 -32.32 -18.03
CA VAL D 39 -6.60 -31.20 -17.06
C VAL D 39 -7.67 -30.17 -17.37
N VAL D 40 -8.40 -29.75 -16.34
CA VAL D 40 -9.43 -28.69 -16.36
C VAL D 40 -9.00 -27.55 -15.42
N LEU D 41 -8.92 -26.31 -15.92
CA LEU D 41 -8.60 -25.08 -15.12
C LEU D 41 -9.81 -24.14 -15.15
N TRP D 42 -10.05 -23.44 -14.05
CA TRP D 42 -11.08 -22.36 -13.97
C TRP D 42 -10.46 -21.09 -13.36
N ASN D 43 -10.57 -19.97 -14.11
CA ASN D 43 -10.10 -18.59 -13.75
C ASN D 43 -11.26 -17.93 -12.98
N GLU D 44 -11.12 -17.77 -11.68
CA GLU D 44 -12.27 -17.25 -10.86
C GLU D 44 -12.58 -15.78 -11.25
N ASN D 45 -11.58 -14.91 -11.44
CA ASN D 45 -11.77 -13.47 -11.81
C ASN D 45 -12.59 -13.37 -13.11
N LYS D 46 -12.16 -14.03 -14.19
CA LYS D 46 -12.78 -13.94 -15.55
C LYS D 46 -13.98 -14.86 -15.69
N GLN D 47 -14.15 -15.84 -14.80
CA GLN D 47 -15.22 -16.87 -14.91
C GLN D 47 -15.11 -17.56 -16.28
N GLN D 48 -13.96 -18.15 -16.60
CA GLN D 48 -13.71 -18.88 -17.85
C GLN D 48 -12.89 -20.15 -17.55
N GLY D 49 -13.16 -21.22 -18.31
CA GLY D 49 -12.55 -22.55 -18.18
C GLY D 49 -11.74 -22.96 -19.39
N PHE D 50 -10.74 -23.79 -19.17
CA PHE D 50 -9.81 -24.29 -20.21
C PHE D 50 -9.55 -25.79 -19.99
N THR D 51 -9.44 -26.57 -21.06
CA THR D 51 -9.13 -28.02 -20.98
C THR D 51 -8.47 -28.50 -22.28
N ASN D 52 -7.71 -29.58 -22.19
CA ASN D 52 -7.13 -30.27 -23.37
C ASN D 52 -8.22 -31.14 -24.06
N ASN D 53 -9.29 -31.54 -23.36
CA ASN D 53 -10.26 -32.54 -23.90
C ASN D 53 -11.63 -32.29 -23.30
N LEU D 54 -12.51 -31.57 -24.00
CA LEU D 54 -13.85 -31.16 -23.51
C LEU D 54 -14.70 -32.40 -23.14
N LYS D 55 -14.64 -33.48 -23.91
CA LYS D 55 -15.54 -34.65 -23.65
C LYS D 55 -15.01 -35.39 -22.42
N ARG D 56 -13.72 -35.64 -22.31
CA ARG D 56 -13.22 -36.31 -21.09
C ARG D 56 -13.38 -35.42 -19.83
N ALA D 57 -13.38 -34.08 -19.97
CA ALA D 57 -13.63 -33.13 -18.85
C ALA D 57 -14.98 -33.43 -18.21
N ASN D 58 -15.92 -34.00 -18.98
CA ASN D 58 -17.32 -34.23 -18.53
C ASN D 58 -17.58 -35.73 -18.30
N GLN D 59 -16.59 -36.60 -18.44
CA GLN D 59 -16.76 -38.07 -18.16
C GLN D 59 -16.74 -38.35 -16.65
N ALA D 60 -17.71 -39.08 -16.09
CA ALA D 60 -17.80 -39.33 -14.63
C ALA D 60 -17.13 -40.66 -14.25
N PHE D 61 -16.28 -40.63 -13.20
CA PHE D 61 -15.54 -41.80 -12.63
C PHE D 61 -15.81 -41.94 -11.12
N LEU D 62 -15.42 -43.07 -10.52
CA LEU D 62 -15.43 -43.20 -9.04
C LEU D 62 -14.48 -42.12 -8.47
N PRO D 63 -14.87 -41.41 -7.40
CA PRO D 63 -14.00 -40.40 -6.80
C PRO D 63 -12.79 -40.91 -5.98
N ALA D 64 -12.86 -42.15 -5.48
CA ALA D 64 -11.88 -42.75 -4.54
C ALA D 64 -11.51 -41.73 -3.45
N SER D 65 -10.23 -41.53 -3.13
CA SER D 65 -9.85 -40.68 -1.97
C SER D 65 -10.19 -39.20 -2.17
N THR D 66 -10.64 -38.72 -3.35
CA THR D 66 -11.13 -37.30 -3.45
C THR D 66 -12.43 -37.16 -2.65
N PHE D 67 -13.11 -38.27 -2.34
CA PHE D 67 -14.35 -38.30 -1.50
C PHE D 67 -14.06 -37.91 -0.05
N ILE D 69 -12.91 -35.21 0.96
CA ILE D 69 -13.33 -33.83 1.19
C ILE D 69 -14.77 -33.82 1.67
N PRO D 70 -15.80 -34.31 0.91
CA PRO D 70 -17.18 -34.26 1.43
C PRO D 70 -17.36 -35.08 2.73
N ASN D 71 -16.70 -36.22 2.84
CA ASN D 71 -16.78 -37.14 4.03
C ASN D 71 -16.33 -36.37 5.29
N SER D 72 -15.21 -35.61 5.26
CA SER D 72 -14.75 -34.77 6.41
C SER D 72 -15.79 -33.69 6.74
N LEU D 73 -16.36 -33.01 5.73
CA LEU D 73 -17.32 -31.91 5.96
C LEU D 73 -18.50 -32.42 6.76
N ILE D 74 -19.06 -33.55 6.32
CA ILE D 74 -20.29 -34.11 6.94
C ILE D 74 -19.91 -34.60 8.36
N ALA D 75 -18.77 -35.28 8.52
CA ALA D 75 -18.35 -35.81 9.85
C ALA D 75 -18.18 -34.67 10.88
N LEU D 76 -17.60 -33.54 10.46
CA LEU D 76 -17.45 -32.32 11.31
C LEU D 76 -18.82 -31.71 11.58
N ASP D 77 -19.70 -31.59 10.58
CA ASP D 77 -20.98 -30.86 10.78
C ASP D 77 -21.87 -31.65 11.76
N LEU D 78 -21.84 -32.97 11.73
CA LEU D 78 -22.71 -33.85 12.57
C LEU D 78 -22.07 -34.03 13.95
N GLY D 79 -20.81 -33.68 14.14
CA GLY D 79 -20.15 -33.83 15.46
C GLY D 79 -19.51 -35.21 15.62
N VAL D 80 -19.38 -35.96 14.52
CA VAL D 80 -18.70 -37.29 14.51
C VAL D 80 -17.23 -37.05 14.77
N VAL D 81 -16.68 -35.97 14.20
CA VAL D 81 -15.33 -35.40 14.53
C VAL D 81 -15.55 -34.07 15.29
N LYS D 82 -14.89 -33.91 16.45
CA LYS D 82 -15.08 -32.71 17.29
C LYS D 82 -14.24 -31.55 16.75
N ASP D 83 -12.98 -31.79 16.37
CA ASP D 83 -12.02 -30.78 15.86
C ASP D 83 -10.85 -31.52 15.23
N GLU D 84 -9.85 -30.77 14.76
CA GLU D 84 -8.72 -31.28 13.95
C GLU D 84 -7.63 -31.86 14.84
N HIS D 85 -7.78 -31.81 16.18
CA HIS D 85 -6.80 -32.41 17.16
C HIS D 85 -7.29 -33.77 17.70
N GLN D 86 -8.57 -34.09 17.54
CA GLN D 86 -9.15 -35.36 18.05
C GLN D 86 -8.36 -36.55 17.50
N VAL D 87 -7.94 -37.47 18.38
CA VAL D 87 -7.10 -38.65 18.04
C VAL D 87 -7.99 -39.85 17.68
N PHE D 88 -7.72 -40.49 16.53
CA PHE D 88 -8.35 -41.76 16.07
C PHE D 88 -7.33 -42.87 16.24
N LYS D 89 -7.50 -43.62 17.33
CA LYS D 89 -6.58 -44.71 17.75
C LYS D 89 -6.56 -45.80 16.67
N TRP D 90 -5.37 -46.27 16.30
CA TRP D 90 -5.17 -47.49 15.49
C TRP D 90 -5.98 -48.66 16.10
N ASP D 91 -6.71 -49.43 15.30
CA ASP D 91 -7.54 -50.58 15.78
C ASP D 91 -6.65 -51.79 16.10
N GLY D 92 -5.40 -51.82 15.62
CA GLY D 92 -4.40 -52.87 15.89
C GLY D 92 -4.26 -53.88 14.76
N GLN D 93 -5.02 -53.79 13.67
CA GLN D 93 -4.82 -54.67 12.49
C GLN D 93 -3.68 -54.12 11.62
N THR D 94 -2.66 -54.93 11.36
CA THR D 94 -1.50 -54.60 10.51
C THR D 94 -1.95 -54.67 9.06
N ARG D 95 -2.08 -53.54 8.39
CA ARG D 95 -2.51 -53.46 6.98
C ARG D 95 -1.28 -53.20 6.13
N ASP D 96 -1.41 -53.28 4.81
CA ASP D 96 -0.27 -53.33 3.85
C ASP D 96 0.34 -51.93 3.65
N ILE D 97 -0.33 -50.86 4.09
CA ILE D 97 0.18 -49.45 4.01
C ILE D 97 0.74 -49.08 5.39
N ALA D 98 2.06 -48.86 5.47
CA ALA D 98 2.80 -48.66 6.75
C ALA D 98 2.20 -47.50 7.55
N THR D 99 2.02 -46.33 6.91
CA THR D 99 1.48 -45.07 7.49
C THR D 99 0.11 -45.26 8.14
N TRP D 100 -0.68 -46.26 7.75
CA TRP D 100 -2.04 -46.50 8.32
C TRP D 100 -1.96 -47.18 9.70
N ASN D 101 -0.82 -47.77 10.05
CA ASN D 101 -0.70 -48.63 11.27
C ASN D 101 -0.24 -47.77 12.46
N ARG D 102 -0.93 -46.66 12.73
CA ARG D 102 -0.62 -45.70 13.85
C ARG D 102 -1.84 -44.81 14.14
N ASP D 103 -1.73 -44.02 15.21
CA ASP D 103 -2.77 -43.03 15.62
C ASP D 103 -2.73 -41.90 14.59
N HIS D 104 -3.89 -41.28 14.34
CA HIS D 104 -4.05 -40.19 13.32
C HIS D 104 -4.98 -39.14 13.88
N ASN D 105 -4.88 -37.91 13.36
CA ASN D 105 -5.93 -36.89 13.54
C ASN D 105 -6.44 -36.55 12.13
N LEU D 106 -7.31 -35.54 12.02
CA LEU D 106 -7.94 -35.19 10.72
C LEU D 106 -6.87 -34.75 9.75
N ILE D 107 -5.85 -34.03 10.21
CA ILE D 107 -4.78 -33.46 9.33
C ILE D 107 -3.95 -34.62 8.77
N THR D 108 -3.49 -35.54 9.65
CA THR D 108 -2.63 -36.66 9.21
C THR D 108 -3.50 -37.69 8.45
N ALA D 109 -4.76 -37.85 8.78
CA ALA D 109 -5.62 -38.86 8.09
C ALA D 109 -5.79 -38.47 6.62
N MET D 110 -5.97 -37.16 6.35
N MET D 110 -5.93 -37.17 6.32
CA MET D 110 -6.09 -36.60 4.97
CA MET D 110 -6.10 -36.70 4.92
C MET D 110 -4.76 -36.78 4.24
C MET D 110 -4.74 -36.73 4.21
N LYS D 111 -3.65 -36.41 4.91
CA LYS D 111 -2.26 -36.37 4.33
C LYS D 111 -1.79 -37.77 3.87
N TYR D 112 -2.05 -38.83 4.64
CA TYR D 112 -1.66 -40.22 4.27
C TYR D 112 -2.84 -41.04 3.70
N SER D 113 -3.98 -40.39 3.39
N SER D 113 -3.99 -40.38 3.49
CA SER D 113 -5.23 -41.00 2.81
CA SER D 113 -5.23 -40.95 2.87
C SER D 113 -5.68 -42.24 3.60
C SER D 113 -5.66 -42.23 3.61
N VAL D 114 -5.91 -42.13 4.91
CA VAL D 114 -6.10 -43.35 5.78
C VAL D 114 -7.56 -43.84 5.68
N VAL D 115 -7.84 -44.72 4.72
CA VAL D 115 -9.19 -45.30 4.38
C VAL D 115 -9.90 -45.83 5.64
N PRO D 116 -9.24 -46.66 6.51
CA PRO D 116 -9.91 -47.21 7.68
C PRO D 116 -10.49 -46.15 8.63
N VAL D 117 -9.85 -44.97 8.75
CA VAL D 117 -10.39 -43.87 9.59
C VAL D 117 -11.71 -43.34 8.98
N TYR D 118 -11.74 -43.12 7.65
CA TYR D 118 -12.92 -42.62 6.89
C TYR D 118 -14.03 -43.67 6.80
N GLN D 119 -13.69 -44.97 6.82
CA GLN D 119 -14.76 -46.02 6.86
C GLN D 119 -15.53 -45.90 8.17
N GLU D 120 -14.83 -45.63 9.28
CA GLU D 120 -15.47 -45.51 10.62
C GLU D 120 -16.37 -44.27 10.63
N PHE D 121 -15.93 -43.12 10.08
CA PHE D 121 -16.78 -41.90 9.97
C PHE D 121 -18.09 -42.27 9.26
N ALA D 122 -17.99 -42.96 8.11
CA ALA D 122 -19.14 -43.28 7.22
C ALA D 122 -20.15 -44.15 7.99
N ARG D 123 -19.70 -45.15 8.74
CA ARG D 123 -20.61 -46.04 9.51
C ARG D 123 -21.35 -45.21 10.57
N GLN D 124 -20.67 -44.27 11.25
CA GLN D 124 -21.34 -43.41 12.27
C GLN D 124 -22.25 -42.39 11.59
N ILE D 125 -21.89 -41.87 10.40
CA ILE D 125 -22.82 -40.95 9.67
C ILE D 125 -24.09 -41.74 9.28
N GLY D 126 -23.93 -42.88 8.63
CA GLY D 126 -25.05 -43.76 8.22
C GLY D 126 -25.65 -43.39 6.87
N GLU D 127 -26.37 -44.32 6.25
CA GLU D 127 -26.95 -44.21 4.89
C GLU D 127 -27.83 -42.96 4.73
N ALA D 128 -28.81 -42.81 5.60
CA ALA D 128 -29.83 -41.75 5.43
C ALA D 128 -29.16 -40.37 5.41
N ARG D 129 -28.28 -40.09 6.37
CA ARG D 129 -27.66 -38.75 6.56
C ARG D 129 -26.68 -38.50 5.42
N MET D 130 -25.92 -39.53 5.03
CA MET D 130 -24.95 -39.45 3.90
C MET D 130 -25.71 -39.05 2.62
N SER D 131 -26.82 -39.73 2.33
CA SER D 131 -27.66 -39.48 1.13
C SER D 131 -28.24 -38.06 1.11
N LYS D 132 -28.88 -37.62 2.20
CA LYS D 132 -29.41 -36.24 2.32
C LYS D 132 -28.30 -35.20 2.08
N MET D 133 -27.10 -35.43 2.61
CA MET D 133 -25.97 -34.43 2.56
C MET D 133 -25.39 -34.31 1.14
N LEU D 134 -25.22 -35.43 0.44
CA LEU D 134 -24.69 -35.38 -0.95
C LEU D 134 -25.72 -34.73 -1.89
N HIS D 135 -27.02 -34.90 -1.64
CA HIS D 135 -28.11 -34.18 -2.36
C HIS D 135 -28.01 -32.67 -2.09
N ALA D 136 -27.85 -32.23 -0.83
CA ALA D 136 -27.62 -30.80 -0.50
C ALA D 136 -26.36 -30.22 -1.19
N PHE D 137 -25.26 -30.98 -1.34
CA PHE D 137 -24.01 -30.54 -2.00
C PHE D 137 -24.13 -30.52 -3.54
N ASP D 138 -25.15 -31.16 -4.11
CA ASP D 138 -25.27 -31.36 -5.59
C ASP D 138 -24.07 -32.17 -6.11
N TYR D 139 -23.60 -33.18 -5.35
CA TYR D 139 -22.29 -33.89 -5.59
C TYR D 139 -22.46 -35.00 -6.63
N GLY D 140 -21.89 -34.81 -7.82
CA GLY D 140 -21.85 -35.86 -8.85
C GLY D 140 -23.24 -36.43 -9.13
N ASN D 141 -23.36 -37.76 -9.27
CA ASN D 141 -24.68 -38.40 -9.59
C ASN D 141 -25.52 -38.60 -8.32
N GLU D 142 -24.98 -38.29 -7.13
CA GLU D 142 -25.67 -38.36 -5.81
C GLU D 142 -26.10 -39.81 -5.43
N ASP D 143 -25.54 -40.87 -6.03
CA ASP D 143 -25.95 -42.30 -5.80
C ASP D 143 -24.96 -42.96 -4.83
N ILE D 144 -25.39 -43.35 -3.62
CA ILE D 144 -24.54 -44.07 -2.63
C ILE D 144 -24.77 -45.60 -2.66
N SER D 145 -25.29 -46.19 -3.75
CA SER D 145 -25.53 -47.67 -3.84
C SER D 145 -24.27 -48.44 -3.48
N GLY D 146 -24.42 -49.39 -2.56
CA GLY D 146 -23.34 -50.28 -2.08
C GLY D 146 -23.23 -50.28 -0.56
N ASN D 147 -22.11 -50.77 -0.03
CA ASN D 147 -21.73 -50.67 1.41
C ASN D 147 -21.59 -49.19 1.81
N VAL D 148 -22.23 -48.78 2.90
CA VAL D 148 -22.14 -47.39 3.41
C VAL D 148 -20.67 -47.00 3.66
N ASP D 149 -19.76 -47.96 3.85
CA ASP D 149 -18.33 -47.70 4.18
C ASP D 149 -17.41 -48.03 2.99
N SER D 150 -17.91 -48.19 1.76
CA SER D 150 -17.02 -48.41 0.58
C SER D 150 -17.61 -47.94 -0.76
N PHE D 151 -18.78 -47.31 -0.78
CA PHE D 151 -19.47 -46.88 -2.03
C PHE D 151 -18.59 -45.96 -2.92
N TRP D 152 -17.64 -45.18 -2.34
CA TRP D 152 -16.78 -44.24 -3.10
C TRP D 152 -15.58 -44.98 -3.69
N LEU D 153 -15.36 -46.24 -3.30
CA LEU D 153 -14.28 -47.10 -3.86
C LEU D 153 -14.82 -48.18 -4.82
N ASP D 154 -16.03 -48.71 -4.58
CA ASP D 154 -16.55 -49.83 -5.41
C ASP D 154 -18.07 -49.88 -5.50
N GLY D 155 -18.77 -48.78 -5.23
CA GLY D 155 -20.22 -48.64 -5.38
C GLY D 155 -20.61 -47.85 -6.64
N GLY D 156 -21.75 -47.18 -6.58
CA GLY D 156 -22.39 -46.56 -7.75
C GLY D 156 -22.16 -45.05 -7.90
N ILE D 157 -21.43 -44.38 -7.00
CA ILE D 157 -21.23 -42.89 -7.08
C ILE D 157 -20.26 -42.55 -8.22
N ARG D 158 -20.53 -41.48 -8.98
CA ARG D 158 -19.72 -41.06 -10.15
C ARG D 158 -19.68 -39.52 -10.20
N ILE D 159 -18.51 -38.96 -10.50
CA ILE D 159 -18.28 -37.49 -10.62
C ILE D 159 -17.26 -37.20 -11.74
N SER D 160 -17.53 -36.14 -12.54
CA SER D 160 -16.62 -35.62 -13.60
C SER D 160 -15.66 -34.54 -13.04
N ALA D 161 -14.58 -34.28 -13.73
CA ALA D 161 -13.65 -33.14 -13.42
C ALA D 161 -14.42 -31.82 -13.33
N THR D 162 -15.33 -31.50 -14.27
CA THR D 162 -16.12 -30.23 -14.23
C THR D 162 -17.04 -30.20 -13.00
N GLU D 163 -17.62 -31.33 -12.60
CA GLU D 163 -18.46 -31.40 -11.36
C GLU D 163 -17.57 -31.22 -10.11
N GLN D 164 -16.31 -31.65 -10.12
CA GLN D 164 -15.36 -31.47 -8.96
C GLN D 164 -15.07 -29.96 -8.80
N ILE D 165 -14.81 -29.25 -9.90
CA ILE D 165 -14.58 -27.77 -9.85
C ILE D 165 -15.84 -27.07 -9.29
N SER D 166 -17.01 -27.47 -9.73
CA SER D 166 -18.28 -26.85 -9.27
C SER D 166 -18.40 -27.02 -7.74
N PHE D 167 -18.06 -28.20 -7.20
CA PHE D 167 -18.15 -28.46 -5.73
C PHE D 167 -17.08 -27.66 -4.96
N LEU D 168 -15.86 -27.61 -5.47
CA LEU D 168 -14.71 -26.90 -4.83
C LEU D 168 -14.93 -25.40 -4.80
N ARG D 169 -15.57 -24.79 -5.82
CA ARG D 169 -15.86 -23.34 -5.86
C ARG D 169 -16.81 -23.01 -4.70
N LYS D 170 -17.83 -23.83 -4.45
CA LYS D 170 -18.77 -23.61 -3.30
C LYS D 170 -18.01 -23.68 -1.94
N LEU D 171 -17.11 -24.66 -1.78
CA LEU D 171 -16.31 -24.85 -0.54
C LEU D 171 -15.40 -23.61 -0.34
N TYR D 172 -14.73 -23.15 -1.40
CA TYR D 172 -13.84 -21.96 -1.36
C TYR D 172 -14.63 -20.76 -0.82
N HIS D 173 -15.87 -20.57 -1.28
CA HIS D 173 -16.73 -19.39 -0.93
C HIS D 173 -17.57 -19.63 0.33
N ASN D 174 -17.41 -20.76 1.03
CA ASN D 174 -18.19 -21.05 2.26
C ASN D 174 -19.67 -21.14 1.89
N LYS D 175 -20.01 -21.61 0.69
CA LYS D 175 -21.44 -21.63 0.24
C LYS D 175 -22.08 -23.02 0.42
N LEU D 176 -21.35 -24.08 0.81
CA LEU D 176 -21.98 -25.42 1.03
C LEU D 176 -22.96 -25.30 2.22
N HIS D 177 -23.99 -26.15 2.29
CA HIS D 177 -24.99 -26.19 3.41
C HIS D 177 -24.40 -27.02 4.57
N VAL D 178 -23.32 -26.55 5.17
CA VAL D 178 -22.78 -26.95 6.51
C VAL D 178 -22.20 -25.66 7.11
N SER D 179 -21.76 -25.67 8.37
CA SER D 179 -21.31 -24.46 9.12
C SER D 179 -20.06 -23.85 8.45
N GLU D 180 -19.84 -22.55 8.63
CA GLU D 180 -18.57 -21.86 8.21
C GLU D 180 -17.39 -22.61 8.85
N ARG D 181 -17.54 -23.01 10.11
CA ARG D 181 -16.46 -23.69 10.89
C ARG D 181 -16.04 -25.00 10.19
N SER D 182 -16.99 -25.83 9.75
CA SER D 182 -16.68 -27.12 9.08
C SER D 182 -15.89 -26.85 7.79
N GLN D 183 -16.29 -25.85 7.00
CA GLN D 183 -15.61 -25.55 5.71
C GLN D 183 -14.17 -25.05 5.96
N ARG D 184 -13.98 -24.19 6.96
CA ARG D 184 -12.64 -23.62 7.34
C ARG D 184 -11.70 -24.74 7.80
N ILE D 185 -12.16 -25.66 8.66
CA ILE D 185 -11.32 -26.82 9.11
C ILE D 185 -10.96 -27.71 7.93
N VAL D 186 -11.89 -28.05 7.01
CA VAL D 186 -11.52 -28.99 5.89
C VAL D 186 -10.52 -28.27 4.96
N LYS D 187 -10.69 -26.97 4.70
CA LYS D 187 -9.70 -26.17 3.89
C LYS D 187 -8.31 -26.17 4.55
N GLN D 188 -8.25 -26.12 5.86
CA GLN D 188 -6.97 -26.32 6.64
C GLN D 188 -6.40 -27.72 6.31
N ALA D 189 -7.21 -28.79 6.37
CA ALA D 189 -6.71 -30.19 6.18
C ALA D 189 -6.23 -30.43 4.74
N MET D 190 -6.72 -29.67 3.74
CA MET D 190 -6.32 -29.81 2.31
C MET D 190 -4.97 -29.13 2.03
N LEU D 191 -4.42 -28.33 2.97
CA LEU D 191 -3.18 -27.56 2.67
C LEU D 191 -2.09 -28.55 2.22
N THR D 192 -1.48 -28.31 1.05
CA THR D 192 -0.50 -29.22 0.41
C THR D 192 0.86 -28.52 0.23
N GLU D 193 0.87 -27.28 -0.26
CA GLU D 193 2.11 -26.54 -0.54
C GLU D 193 1.87 -25.05 -0.31
N ALA D 194 2.84 -24.34 0.28
CA ALA D 194 2.81 -22.87 0.41
C ALA D 194 4.24 -22.29 0.37
N ASN D 195 4.38 -21.18 -0.38
CA ASN D 195 5.61 -20.34 -0.46
C ASN D 195 5.23 -18.87 -0.75
N GLY D 196 6.21 -18.02 -1.04
CA GLY D 196 6.01 -16.59 -1.36
C GLY D 196 5.36 -16.33 -2.73
N ASP D 197 5.10 -17.35 -3.56
CA ASP D 197 4.51 -17.20 -4.92
C ASP D 197 3.08 -17.78 -4.98
N TYR D 198 2.78 -18.84 -4.23
CA TYR D 198 1.43 -19.50 -4.32
C TYR D 198 1.15 -20.38 -3.10
N ILE D 199 -0.15 -20.68 -2.89
CA ILE D 199 -0.65 -21.69 -1.93
C ILE D 199 -1.47 -22.72 -2.72
N ILE D 200 -1.21 -24.02 -2.54
CA ILE D 200 -2.08 -25.11 -3.11
C ILE D 200 -2.86 -25.79 -1.98
N ARG D 201 -4.18 -25.87 -2.12
CA ARG D 201 -5.07 -26.75 -1.30
C ARG D 201 -5.69 -27.79 -2.25
N ALA D 202 -5.52 -29.09 -1.97
CA ALA D 202 -5.80 -30.18 -2.94
C ALA D 202 -5.93 -31.55 -2.24
N LYS D 203 -6.46 -32.52 -2.99
CA LYS D 203 -6.57 -33.94 -2.56
C LYS D 203 -6.28 -34.88 -3.76
N THR D 204 -5.34 -35.80 -3.57
CA THR D 204 -5.07 -36.93 -4.49
C THR D 204 -6.14 -38.03 -4.37
N GLY D 205 -6.23 -38.90 -5.38
CA GLY D 205 -7.07 -40.12 -5.35
C GLY D 205 -6.58 -41.18 -6.32
N TYR D 206 -6.86 -42.47 -6.03
CA TYR D 206 -6.49 -43.63 -6.91
C TYR D 206 -7.61 -44.67 -6.87
N SER D 207 -8.38 -44.77 -7.96
CA SER D 207 -9.48 -45.76 -8.15
C SER D 207 -8.90 -47.05 -8.75
N THR D 208 -8.86 -48.12 -7.95
CA THR D 208 -8.19 -49.42 -8.25
C THR D 208 -9.15 -50.62 -8.27
N ARG D 209 -10.34 -50.54 -7.64
CA ARG D 209 -11.19 -51.72 -7.35
C ARG D 209 -12.07 -52.12 -8.55
N ILE D 210 -12.45 -51.16 -9.40
CA ILE D 210 -13.34 -51.32 -10.59
C ILE D 210 -12.63 -50.70 -11.78
N GLU D 211 -12.65 -51.34 -12.95
CA GLU D 211 -12.04 -50.79 -14.20
C GLU D 211 -12.83 -49.58 -14.68
N PRO D 212 -12.20 -48.57 -15.34
CA PRO D 212 -10.76 -48.51 -15.57
C PRO D 212 -10.04 -47.82 -14.39
N LYS D 213 -8.80 -48.23 -14.16
CA LYS D 213 -7.99 -47.71 -13.04
C LYS D 213 -7.57 -46.28 -13.41
N ILE D 214 -7.87 -45.30 -12.56
CA ILE D 214 -7.54 -43.87 -12.84
C ILE D 214 -6.94 -43.17 -11.60
N GLY D 215 -6.12 -42.15 -11.86
CA GLY D 215 -5.58 -41.24 -10.83
C GLY D 215 -6.23 -39.87 -10.93
N TRP D 216 -6.46 -39.23 -9.77
CA TRP D 216 -7.10 -37.91 -9.61
C TRP D 216 -6.12 -36.93 -8.94
N TRP D 217 -6.25 -35.61 -9.23
CA TRP D 217 -5.76 -34.50 -8.36
C TRP D 217 -6.69 -33.30 -8.56
N VAL D 218 -7.39 -32.89 -7.49
CA VAL D 218 -8.40 -31.80 -7.51
C VAL D 218 -8.06 -30.78 -6.41
N GLY D 219 -8.29 -29.49 -6.67
CA GLY D 219 -8.03 -28.40 -5.69
C GLY D 219 -8.01 -27.02 -6.32
N TRP D 220 -7.21 -26.13 -5.72
CA TRP D 220 -6.99 -24.76 -6.27
C TRP D 220 -5.61 -24.20 -5.90
N VAL D 221 -5.19 -23.23 -6.72
CA VAL D 221 -3.99 -22.38 -6.50
C VAL D 221 -4.40 -20.96 -6.13
N GLU D 222 -4.03 -20.51 -4.93
CA GLU D 222 -4.29 -19.15 -4.40
C GLU D 222 -3.12 -18.24 -4.81
N LEU D 223 -3.39 -17.15 -5.54
CA LEU D 223 -2.37 -16.09 -5.85
C LEU D 223 -2.72 -14.82 -5.06
N ASP D 224 -1.85 -13.82 -5.10
CA ASP D 224 -2.11 -12.50 -4.46
C ASP D 224 -3.48 -11.93 -4.91
N ASP D 225 -3.83 -11.96 -6.20
CA ASP D 225 -5.08 -11.29 -6.67
C ASP D 225 -5.98 -12.17 -7.57
N ASN D 226 -5.89 -13.51 -7.51
CA ASN D 226 -6.82 -14.43 -8.26
C ASN D 226 -6.78 -15.84 -7.62
N VAL D 227 -7.72 -16.71 -8.00
CA VAL D 227 -7.75 -18.16 -7.63
C VAL D 227 -7.95 -18.97 -8.91
N TRP D 228 -7.11 -19.96 -9.15
CA TRP D 228 -7.24 -20.94 -10.27
C TRP D 228 -7.68 -22.29 -9.69
N PHE D 229 -8.90 -22.73 -9.95
CA PHE D 229 -9.38 -24.10 -9.60
C PHE D 229 -8.84 -25.09 -10.63
N PHE D 230 -8.56 -26.32 -10.20
CA PHE D 230 -8.11 -27.40 -11.12
C PHE D 230 -8.72 -28.75 -10.77
N ALA D 231 -8.85 -29.61 -11.78
CA ALA D 231 -9.23 -31.04 -11.60
C ALA D 231 -8.66 -31.85 -12.76
N MET D 232 -7.80 -32.82 -12.43
CA MET D 232 -7.16 -33.70 -13.44
C MET D 232 -7.47 -35.17 -13.12
N ASN D 233 -7.71 -35.98 -14.17
CA ASN D 233 -7.64 -37.47 -14.06
C ASN D 233 -6.84 -38.05 -15.24
N MET D 234 -6.23 -39.22 -15.03
CA MET D 234 -5.39 -39.92 -16.06
C MET D 234 -5.49 -41.43 -15.85
N ASP D 235 -5.32 -42.19 -16.93
CA ASP D 235 -5.31 -43.67 -16.88
C ASP D 235 -4.08 -44.07 -16.06
N MET D 236 -4.22 -45.01 -15.13
CA MET D 236 -3.14 -45.38 -14.16
C MET D 236 -3.15 -46.90 -13.98
N PRO D 237 -2.69 -47.69 -15.00
CA PRO D 237 -2.71 -49.16 -14.90
C PRO D 237 -1.81 -49.71 -13.79
N THR D 238 -0.75 -49.01 -13.37
CA THR D 238 0.14 -49.42 -12.24
C THR D 238 0.52 -48.21 -11.38
N SER D 239 0.87 -48.45 -10.10
CA SER D 239 1.17 -47.42 -9.09
C SER D 239 2.48 -46.69 -9.41
N ASP D 240 3.25 -47.19 -10.39
CA ASP D 240 4.53 -46.62 -10.88
C ASP D 240 4.35 -45.17 -11.32
N GLY D 241 3.19 -44.82 -11.90
CA GLY D 241 2.95 -43.51 -12.53
C GLY D 241 2.30 -42.48 -11.60
N LEU D 242 2.16 -42.75 -10.29
CA LEU D 242 1.30 -41.89 -9.42
C LEU D 242 1.82 -40.45 -9.41
N GLY D 243 3.14 -40.26 -9.53
CA GLY D 243 3.81 -38.94 -9.45
C GLY D 243 3.47 -38.07 -10.64
N LEU D 244 2.98 -38.70 -11.72
CA LEU D 244 2.60 -37.98 -12.95
C LEU D 244 1.38 -37.09 -12.72
N ARG D 245 0.56 -37.35 -11.68
CA ARG D 245 -0.67 -36.56 -11.40
C ARG D 245 -0.27 -35.09 -11.09
N GLN D 246 0.64 -34.88 -10.14
CA GLN D 246 1.13 -33.51 -9.79
C GLN D 246 2.10 -32.98 -10.88
N ALA D 247 2.96 -33.83 -11.48
CA ALA D 247 4.01 -33.37 -12.43
C ALA D 247 3.37 -32.79 -13.69
N ILE D 248 2.36 -33.47 -14.26
CA ILE D 248 1.66 -33.01 -15.47
C ILE D 248 0.85 -31.75 -15.16
N THR D 249 0.13 -31.71 -14.04
CA THR D 249 -0.68 -30.53 -13.65
C THR D 249 0.24 -29.30 -13.54
N LYS D 250 1.46 -29.46 -13.02
CA LYS D 250 2.42 -28.34 -12.76
C LYS D 250 3.06 -27.88 -14.07
N GLU D 251 3.27 -28.77 -15.03
CA GLU D 251 3.71 -28.37 -16.39
C GLU D 251 2.63 -27.51 -17.09
N VAL D 252 1.34 -27.79 -16.91
CA VAL D 252 0.27 -26.96 -17.55
C VAL D 252 0.22 -25.61 -16.81
N LEU D 253 0.31 -25.63 -15.49
CA LEU D 253 0.31 -24.39 -14.66
C LEU D 253 1.50 -23.50 -15.08
N LYS D 254 2.66 -24.08 -15.34
CA LYS D 254 3.87 -23.32 -15.78
C LYS D 254 3.66 -22.71 -17.17
N GLN D 255 3.17 -23.50 -18.12
CA GLN D 255 2.96 -23.06 -19.53
C GLN D 255 1.99 -21.85 -19.52
N GLU D 256 0.98 -21.85 -18.66
CA GLU D 256 -0.06 -20.77 -18.60
C GLU D 256 0.38 -19.60 -17.68
N LYS D 257 1.65 -19.56 -17.25
CA LYS D 257 2.25 -18.48 -16.42
C LYS D 257 1.52 -18.32 -15.08
N ILE D 258 0.96 -19.38 -14.50
CA ILE D 258 0.17 -19.29 -13.24
C ILE D 258 1.14 -19.42 -12.06
N ILE D 259 2.16 -20.28 -12.20
CA ILE D 259 3.28 -20.45 -11.22
C ILE D 259 4.58 -20.32 -12.01
N PRO D 260 5.71 -19.94 -11.36
CA PRO D 260 7.05 -19.98 -11.95
C PRO D 260 7.61 -21.39 -12.19
#